data_6JZ4
#
_entry.id   6JZ4
#
_cell.length_a   161.210
_cell.length_b   101.896
_cell.length_c   111.299
_cell.angle_alpha   90.000
_cell.angle_beta   130.900
_cell.angle_gamma   90.000
#
_symmetry.space_group_name_H-M   'C 1 2 1'
#
loop_
_entity.id
_entity.type
_entity.pdbx_description
1 polymer Beta-glucuronidase
2 non-polymer '(2S,3R,4S,5R)-3,4,5-trihydroxy-6-oxopiperidine-2-carboxylic acid'
3 non-polymer (4R)-2-METHYLPENTANE-2,4-DIOL
4 water water
#
_entity_poly.entity_id   1
_entity_poly.type   'polypeptide(L)'
_entity_poly.pdbx_seq_one_letter_code
;MHHHHHHSSGVDLGTENLYFQSNGMLEYSELYPIQNEYRMMQSLDGMWKFQFDPEEIGKKSGWENGLPAPVSMPVPSSFA
DFFTDHKERDYCGDFWYETEFYLPAEWRNKKIWLRFGSITHRGTVYCNGMEITSHEGGFLPVLADISTVAKPGQVNQVVV
KINNELNETSLPCGATKILNNGRKLAKPYFDFFNYSGLQRSVWVIALPEESVKDYSVDYELCGTDALVKYEVVTTGEHPV
IVRLLDAEGELVAETEGKEGILQVANARLWEVRNAYLYQIVILITDGNGVLDEYREKIGIRTVRIEGTKILLNDRPVYLK
GFGKHEDFPILGRGFHWGIVKRDFECLKWTNANCFRTSHYPYAEEWYQFADEEGFLIIDEVPAVGMMRSTRNFVAAGSGN
YTYFFEALTVPELLKSHIADTEEMITRDKNHPSVIAWSLFNEPETITDYAYEYFKEVFAAAETYDFQSRPMTGAFEKNSK
PELCKCYPLCDFICLNRYYGWYISGGPEIEEAEELFRDEMDRWKAKELNVPFVFTEFGTDTMAGLHKLPSIMWSEEYQKE
YLEMNFRVFDSYEFVQGELAWNFADFQTTEGIMRVDGNHKGVFTRDRQPKAAAVVFKDRWEKKNELF
;
_entity_poly.pdbx_strand_id   A,B
#
loop_
_chem_comp.id
_chem_comp.type
_chem_comp.name
_chem_comp.formula
EVA non-polymer '(2S,3R,4S,5R)-3,4,5-trihydroxy-6-oxopiperidine-2-carboxylic acid' 'C6 H9 N O6'
MRD non-polymer (4R)-2-METHYLPENTANE-2,4-DIOL 'C6 H14 O2'
#
# COMPACT_ATOMS: atom_id res chain seq x y z
N LEU A 26 -25.60 -13.16 14.23
CA LEU A 26 -25.25 -12.75 12.87
C LEU A 26 -25.47 -13.91 11.89
N GLU A 27 -25.90 -13.58 10.67
CA GLU A 27 -26.12 -14.60 9.65
C GLU A 27 -24.86 -14.87 8.84
N TYR A 28 -23.71 -14.66 9.46
CA TYR A 28 -22.41 -14.89 8.82
C TYR A 28 -21.35 -14.98 9.90
N SER A 29 -20.15 -15.41 9.51
CA SER A 29 -19.01 -15.50 10.40
C SER A 29 -18.17 -14.21 10.34
N GLU A 30 -17.69 -13.76 11.49
CA GLU A 30 -16.73 -12.65 11.54
C GLU A 30 -15.28 -13.13 11.52
N LEU A 31 -15.09 -14.45 11.52
CA LEU A 31 -13.74 -15.02 11.68
C LEU A 31 -12.82 -14.61 10.54
N TYR A 32 -11.60 -14.21 10.88
CA TYR A 32 -10.64 -13.83 9.88
C TYR A 32 -10.35 -15.01 8.96
N PRO A 33 -10.29 -14.77 7.65
CA PRO A 33 -10.12 -15.92 6.75
C PRO A 33 -8.72 -16.54 6.79
N ILE A 34 -8.68 -17.86 6.75
CA ILE A 34 -7.42 -18.60 6.72
C ILE A 34 -7.44 -19.60 5.56
N GLN A 35 -6.28 -20.14 5.22
CA GLN A 35 -6.20 -21.14 4.17
C GLN A 35 -5.60 -22.42 4.70
N ASN A 36 -6.32 -23.51 4.53
CA ASN A 36 -5.84 -24.83 4.91
C ASN A 36 -6.58 -25.87 4.08
N GLU A 37 -6.52 -27.13 4.51
CA GLU A 37 -7.16 -28.19 3.75
C GLU A 37 -8.66 -27.93 3.49
N TYR A 38 -9.31 -27.24 4.42
CA TYR A 38 -10.77 -27.15 4.42
C TYR A 38 -11.28 -25.80 3.98
N ARG A 39 -10.42 -24.78 4.12
CA ARG A 39 -10.79 -23.40 3.85
C ARG A 39 -9.86 -22.81 2.79
N MET A 40 -10.43 -22.18 1.77
CA MET A 40 -9.60 -21.57 0.74
C MET A 40 -9.84 -20.08 0.73
N MET A 41 -8.85 -19.31 0.30
CA MET A 41 -9.05 -17.89 0.11
C MET A 41 -8.28 -17.41 -1.11
N GLN A 42 -8.85 -16.43 -1.79
CA GLN A 42 -8.17 -15.79 -2.89
C GLN A 42 -8.36 -14.28 -2.75
N SER A 43 -7.25 -13.54 -2.83
CA SER A 43 -7.33 -12.10 -2.68
C SER A 43 -7.94 -11.43 -3.89
N LEU A 44 -8.82 -10.47 -3.65
CA LEU A 44 -9.37 -9.68 -4.71
C LEU A 44 -8.76 -8.27 -4.74
N ASP A 45 -7.76 -8.01 -3.91
CA ASP A 45 -7.08 -6.70 -3.92
C ASP A 45 -6.44 -6.44 -5.26
N GLY A 46 -6.32 -5.17 -5.63
CA GLY A 46 -5.70 -4.81 -6.90
C GLY A 46 -6.40 -3.61 -7.46
N MET A 47 -6.42 -3.51 -8.78
CA MET A 47 -7.13 -2.42 -9.47
C MET A 47 -8.54 -2.87 -9.88
N TRP A 48 -9.55 -2.25 -9.28
CA TRP A 48 -10.93 -2.54 -9.65
C TRP A 48 -11.43 -1.51 -10.66
N LYS A 49 -12.56 -1.81 -11.29
CA LYS A 49 -13.26 -0.80 -12.07
C LYS A 49 -14.14 0.03 -11.14
N PHE A 50 -14.36 1.28 -11.51
CA PHE A 50 -15.01 2.24 -10.62
C PHE A 50 -15.79 3.26 -11.44
N GLN A 51 -16.98 3.62 -10.98
CA GLN A 51 -17.71 4.71 -11.62
C GLN A 51 -18.56 5.47 -10.63
N PHE A 52 -18.46 6.80 -10.67
CA PHE A 52 -19.36 7.66 -9.90
C PHE A 52 -20.76 7.58 -10.50
N ASP A 53 -21.78 7.72 -9.65
CA ASP A 53 -23.17 7.61 -10.10
C ASP A 53 -23.97 8.81 -9.56
N PRO A 54 -23.63 10.01 -10.03
CA PRO A 54 -24.26 11.22 -9.48
C PRO A 54 -25.76 11.32 -9.78
N GLU A 55 -26.21 10.74 -10.88
CA GLU A 55 -27.63 10.77 -11.24
C GLU A 55 -28.41 9.59 -10.65
N GLU A 56 -27.72 8.73 -9.92
CA GLU A 56 -28.35 7.56 -9.30
C GLU A 56 -29.07 6.69 -10.33
N ILE A 57 -28.35 6.34 -11.41
CA ILE A 57 -28.93 5.59 -12.51
C ILE A 57 -28.40 4.17 -12.64
N GLY A 58 -27.42 3.81 -11.82
CA GLY A 58 -26.74 2.54 -11.98
C GLY A 58 -27.63 1.30 -11.96
N LYS A 59 -28.50 1.20 -10.97
CA LYS A 59 -29.31 -0.01 -10.84
C LYS A 59 -30.34 -0.05 -11.97
N LYS A 60 -30.89 1.09 -12.28
CA LYS A 60 -31.82 1.11 -13.38
C LYS A 60 -31.18 0.94 -14.71
N SER A 61 -29.88 1.03 -14.79
CA SER A 61 -29.13 0.88 -16.03
C SER A 61 -28.40 -0.45 -16.10
N GLY A 62 -28.62 -1.31 -15.11
CA GLY A 62 -28.00 -2.62 -15.09
C GLY A 62 -26.51 -2.63 -14.80
N TRP A 63 -26.01 -1.62 -14.07
CA TRP A 63 -24.58 -1.58 -13.76
C TRP A 63 -24.12 -2.80 -12.96
N GLU A 64 -25.03 -3.51 -12.31
CA GLU A 64 -24.65 -4.70 -11.56
C GLU A 64 -24.15 -5.79 -12.51
N ASN A 65 -24.41 -5.61 -13.80
CA ASN A 65 -23.90 -6.54 -14.80
C ASN A 65 -22.61 -6.03 -15.42
N GLY A 66 -22.13 -4.88 -14.92
CA GLY A 66 -20.91 -4.29 -15.44
C GLY A 66 -21.01 -2.80 -15.61
N LEU A 67 -19.97 -2.08 -15.20
CA LEU A 67 -19.98 -0.63 -15.30
C LEU A 67 -19.75 -0.19 -16.74
N PRO A 68 -20.52 0.78 -17.21
CA PRO A 68 -20.46 1.15 -18.63
C PRO A 68 -19.22 1.95 -19.02
N ALA A 69 -18.75 2.82 -18.14
CA ALA A 69 -17.63 3.69 -18.49
C ALA A 69 -16.70 3.87 -17.29
N PRO A 70 -16.12 2.75 -16.81
CA PRO A 70 -15.36 2.80 -15.56
C PRO A 70 -13.97 3.41 -15.70
N VAL A 71 -13.43 3.84 -14.57
CA VAL A 71 -11.98 4.09 -14.47
C VAL A 71 -11.44 3.06 -13.50
N SER A 72 -10.11 3.04 -13.33
CA SER A 72 -9.50 2.08 -12.41
C SER A 72 -9.45 2.67 -11.00
N MET A 73 -9.67 1.84 -9.99
CA MET A 73 -9.58 2.29 -8.60
C MET A 73 -8.86 1.25 -7.76
N PRO A 74 -7.81 1.67 -7.05
CA PRO A 74 -7.08 0.74 -6.17
C PRO A 74 -7.96 0.24 -5.02
N VAL A 75 -7.80 -1.04 -4.71
CA VAL A 75 -8.44 -1.65 -3.55
C VAL A 75 -7.37 -2.47 -2.84
N PRO A 76 -7.14 -2.23 -1.53
CA PRO A 76 -7.82 -1.27 -0.65
C PRO A 76 -7.32 0.16 -0.80
N SER A 77 -8.24 1.11 -0.72
CA SER A 77 -7.92 2.53 -0.67
C SER A 77 -9.20 3.32 -0.46
N SER A 78 -9.05 4.55 0.01
CA SER A 78 -10.14 5.51 -0.08
C SER A 78 -10.03 6.14 -1.47
N PHE A 79 -11.15 6.40 -2.15
CA PHE A 79 -11.03 6.93 -3.51
C PHE A 79 -10.63 8.41 -3.58
N ALA A 80 -10.92 9.17 -2.52
CA ALA A 80 -10.93 10.64 -2.63
C ALA A 80 -9.63 11.29 -3.09
N ASP A 81 -8.49 10.88 -2.54
CA ASP A 81 -7.30 11.70 -2.73
C ASP A 81 -6.48 11.37 -3.99
N PHE A 82 -6.98 10.44 -4.80
CA PHE A 82 -6.33 10.14 -6.07
C PHE A 82 -6.55 11.25 -7.08
N PHE A 83 -7.77 11.80 -7.08
CA PHE A 83 -8.22 12.71 -8.11
C PHE A 83 -7.62 14.10 -8.01
N THR A 84 -7.71 14.85 -9.10
CA THR A 84 -7.19 16.22 -9.13
C THR A 84 -8.30 17.27 -9.24
N ASP A 85 -9.57 16.83 -9.27
CA ASP A 85 -10.71 17.75 -9.32
C ASP A 85 -11.53 17.71 -8.03
N HIS A 86 -11.96 18.87 -7.57
CA HIS A 86 -12.67 18.98 -6.30
C HIS A 86 -13.89 18.08 -6.26
N LYS A 87 -14.65 18.07 -7.35
CA LYS A 87 -15.94 17.38 -7.31
C LYS A 87 -15.77 15.87 -7.23
N GLU A 88 -14.60 15.38 -7.62
CA GLU A 88 -14.27 13.97 -7.48
C GLU A 88 -13.88 13.67 -6.05
N ARG A 89 -12.95 14.47 -5.53
CA ARG A 89 -12.52 14.33 -4.14
C ARG A 89 -13.68 14.40 -3.17
N ASP A 90 -14.59 15.34 -3.40
CA ASP A 90 -15.66 15.62 -2.45
C ASP A 90 -16.94 14.87 -2.80
N TYR A 91 -16.84 13.93 -3.73
CA TYR A 91 -18.03 13.22 -4.20
C TYR A 91 -18.79 12.59 -3.05
N CYS A 92 -20.10 12.83 -3.03
CA CYS A 92 -20.97 12.28 -2.01
C CYS A 92 -22.19 11.72 -2.70
N GLY A 93 -22.52 10.46 -2.43
CA GLY A 93 -23.66 9.81 -3.05
C GLY A 93 -23.33 8.38 -3.40
N ASP A 94 -23.94 7.87 -4.47
CA ASP A 94 -23.74 6.50 -4.92
C ASP A 94 -22.54 6.41 -5.84
N PHE A 95 -21.73 5.36 -5.69
CA PHE A 95 -20.64 5.08 -6.60
C PHE A 95 -20.42 3.58 -6.63
N TRP A 96 -19.80 3.09 -7.69
CA TRP A 96 -19.77 1.65 -7.93
C TRP A 96 -18.37 1.09 -8.16
N TYR A 97 -18.17 -0.14 -7.68
CA TYR A 97 -16.95 -0.89 -7.89
C TYR A 97 -17.26 -2.18 -8.63
N GLU A 98 -16.33 -2.63 -9.47
CA GLU A 98 -16.50 -3.90 -10.17
C GLU A 98 -15.17 -4.60 -10.33
N THR A 99 -15.16 -5.92 -10.18
CA THR A 99 -14.01 -6.68 -10.65
C THR A 99 -14.44 -8.05 -11.11
N GLU A 100 -13.52 -8.75 -11.75
CA GLU A 100 -13.74 -10.12 -12.17
C GLU A 100 -12.70 -11.00 -11.51
N PHE A 101 -13.01 -12.28 -11.35
CA PHE A 101 -12.05 -13.21 -10.78
C PHE A 101 -12.39 -14.60 -11.28
N TYR A 102 -11.36 -15.39 -11.50
CA TYR A 102 -11.55 -16.80 -11.85
C TYR A 102 -11.70 -17.62 -10.57
N LEU A 103 -12.70 -18.48 -10.47
CA LEU A 103 -12.86 -19.35 -9.32
C LEU A 103 -12.38 -20.74 -9.65
N PRO A 104 -11.48 -21.33 -8.88
CA PRO A 104 -11.01 -22.68 -9.18
C PRO A 104 -12.16 -23.68 -9.18
N ALA A 105 -12.16 -24.61 -10.12
CA ALA A 105 -13.20 -25.62 -10.20
C ALA A 105 -13.36 -26.37 -8.87
N GLU A 106 -12.25 -26.56 -8.17
CA GLU A 106 -12.19 -27.28 -6.92
C GLU A 106 -12.99 -26.64 -5.78
N TRP A 107 -13.45 -25.40 -5.96
CA TRP A 107 -14.26 -24.74 -4.94
C TRP A 107 -15.72 -25.16 -5.04
N ARG A 108 -16.02 -25.99 -6.05
CA ARG A 108 -17.36 -26.50 -6.23
C ARG A 108 -17.82 -27.17 -4.97
N ASN A 109 -19.08 -27.07 -4.63
CA ASN A 109 -19.59 -27.77 -3.45
C ASN A 109 -19.11 -27.21 -2.11
N LYS A 110 -18.38 -26.11 -2.13
CA LYS A 110 -18.07 -25.45 -0.87
C LYS A 110 -19.04 -24.32 -0.66
N LYS A 111 -19.10 -23.77 0.56
CA LYS A 111 -19.80 -22.52 0.80
C LYS A 111 -18.86 -21.40 0.39
N ILE A 112 -19.26 -20.62 -0.61
CA ILE A 112 -18.37 -19.61 -1.17
C ILE A 112 -18.88 -18.23 -0.78
N TRP A 113 -17.96 -17.41 -0.28
CA TRP A 113 -18.31 -16.12 0.28
C TRP A 113 -17.38 -15.06 -0.25
N LEU A 114 -17.94 -13.89 -0.55
CA LEU A 114 -17.16 -12.66 -0.68
C LEU A 114 -17.00 -12.05 0.71
N ARG A 115 -15.79 -11.62 1.03
CA ARG A 115 -15.54 -11.04 2.34
C ARG A 115 -14.83 -9.72 2.15
N PHE A 116 -15.53 -8.65 2.49
CA PHE A 116 -14.97 -7.31 2.41
C PHE A 116 -14.54 -6.92 3.81
N GLY A 117 -13.31 -6.46 3.97
CA GLY A 117 -12.88 -5.97 5.27
C GLY A 117 -13.85 -4.90 5.74
N SER A 118 -14.31 -4.10 4.79
CA SER A 118 -15.34 -3.12 5.06
C SER A 118 -15.87 -2.59 3.73
N ILE A 119 -17.00 -1.91 3.78
CA ILE A 119 -17.59 -1.22 2.64
C ILE A 119 -18.13 0.08 3.20
N THR A 120 -17.52 1.20 2.83
CA THR A 120 -17.75 2.47 3.51
C THR A 120 -18.60 3.45 2.69
N HIS A 121 -19.80 3.83 3.14
CA HIS A 121 -20.38 3.51 4.45
C HIS A 121 -21.43 2.39 4.39
N ARG A 122 -21.99 2.18 3.21
CA ARG A 122 -23.10 1.25 3.08
C ARG A 122 -23.14 0.77 1.65
N GLY A 123 -23.65 -0.41 1.42
CA GLY A 123 -23.59 -0.91 0.06
C GLY A 123 -24.38 -2.16 -0.17
N THR A 124 -24.51 -2.48 -1.44
CA THR A 124 -25.15 -3.71 -1.86
C THR A 124 -24.17 -4.45 -2.75
N VAL A 125 -23.99 -5.73 -2.43
CA VAL A 125 -23.06 -6.58 -3.15
C VAL A 125 -23.82 -7.40 -4.18
N TYR A 126 -23.35 -7.35 -5.43
CA TYR A 126 -23.88 -8.18 -6.49
C TYR A 126 -22.82 -9.16 -6.95
N CYS A 127 -23.24 -10.35 -7.34
CA CYS A 127 -22.29 -11.28 -7.89
C CYS A 127 -22.92 -11.97 -9.10
N ASN A 128 -22.23 -11.91 -10.23
CA ASN A 128 -22.76 -12.45 -11.48
C ASN A 128 -24.17 -11.94 -11.78
N GLY A 129 -24.38 -10.66 -11.52
CA GLY A 129 -25.64 -10.00 -11.83
C GLY A 129 -26.72 -10.12 -10.76
N MET A 130 -26.46 -10.86 -9.70
CA MET A 130 -27.45 -11.15 -8.67
C MET A 130 -27.17 -10.42 -7.36
N GLU A 131 -28.21 -9.78 -6.82
CA GLU A 131 -28.11 -9.13 -5.52
C GLU A 131 -27.86 -10.16 -4.42
N ILE A 132 -26.81 -9.96 -3.64
CA ILE A 132 -26.47 -10.93 -2.60
C ILE A 132 -26.82 -10.43 -1.20
N THR A 133 -26.31 -9.28 -0.82
CA THR A 133 -26.56 -8.76 0.51
C THR A 133 -26.31 -7.27 0.51
N SER A 134 -26.78 -6.61 1.56
CA SER A 134 -26.54 -5.19 1.77
C SER A 134 -26.05 -5.01 3.19
N HIS A 135 -25.34 -3.93 3.45
CA HIS A 135 -24.81 -3.72 4.78
C HIS A 135 -24.74 -2.23 5.03
N GLU A 136 -25.05 -1.85 6.26
CA GLU A 136 -24.96 -0.47 6.71
C GLU A 136 -23.97 -0.39 7.86
N GLY A 137 -22.95 0.44 7.70
CA GLY A 137 -21.85 0.53 8.66
C GLY A 137 -20.53 0.30 7.95
N GLY A 138 -19.66 1.32 7.96
CA GLY A 138 -18.54 1.32 7.04
C GLY A 138 -17.19 0.87 7.58
N PHE A 139 -17.16 0.26 8.76
CA PHE A 139 -15.88 -0.06 9.39
C PHE A 139 -15.79 -1.47 9.96
N LEU A 140 -16.67 -2.36 9.48
CA LEU A 140 -16.65 -3.76 9.91
C LEU A 140 -16.92 -4.66 8.71
N PRO A 141 -16.51 -5.94 8.79
CA PRO A 141 -16.59 -6.86 7.64
C PRO A 141 -17.99 -7.02 7.07
N VAL A 142 -18.04 -7.17 5.76
CA VAL A 142 -19.29 -7.47 5.05
C VAL A 142 -19.09 -8.81 4.40
N LEU A 143 -19.96 -9.76 4.74
CA LEU A 143 -19.89 -11.13 4.23
C LEU A 143 -21.06 -11.38 3.30
N ALA A 144 -20.78 -11.83 2.08
CA ALA A 144 -21.83 -12.09 1.11
C ALA A 144 -21.73 -13.52 0.61
N ASP A 145 -22.76 -14.31 0.89
CA ASP A 145 -22.79 -15.71 0.51
C ASP A 145 -23.12 -15.85 -0.98
N ILE A 146 -22.14 -16.19 -1.79
CA ILE A 146 -22.38 -16.36 -3.22
C ILE A 146 -22.44 -17.82 -3.65
N SER A 147 -22.65 -18.71 -2.69
CA SER A 147 -22.69 -20.14 -2.97
C SER A 147 -23.62 -20.49 -4.13
N THR A 148 -24.80 -19.87 -4.15
CA THR A 148 -25.81 -20.26 -5.13
C THR A 148 -25.62 -19.62 -6.50
N VAL A 149 -24.82 -18.57 -6.60
CA VAL A 149 -24.62 -17.92 -7.90
C VAL A 149 -23.19 -18.06 -8.44
N ALA A 150 -22.27 -18.51 -7.59
CA ALA A 150 -20.87 -18.66 -8.01
C ALA A 150 -20.75 -19.70 -9.10
N LYS A 151 -19.78 -19.52 -9.98
CA LYS A 151 -19.53 -20.45 -11.07
C LYS A 151 -18.10 -20.94 -11.01
N PRO A 152 -17.89 -22.08 -10.33
CA PRO A 152 -16.54 -22.65 -10.22
C PRO A 152 -16.00 -23.01 -11.60
N GLY A 153 -14.70 -22.80 -11.81
CA GLY A 153 -14.09 -23.11 -13.08
C GLY A 153 -14.41 -22.07 -14.14
N GLN A 154 -14.90 -20.91 -13.73
CA GLN A 154 -15.23 -19.86 -14.67
C GLN A 154 -14.85 -18.49 -14.12
N VAL A 155 -14.83 -17.50 -15.00
CA VAL A 155 -14.71 -16.12 -14.56
C VAL A 155 -16.01 -15.70 -13.89
N ASN A 156 -15.89 -15.13 -12.69
CA ASN A 156 -17.02 -14.59 -11.96
C ASN A 156 -16.89 -13.08 -11.87
N GLN A 157 -18.00 -12.41 -11.57
CA GLN A 157 -18.01 -10.95 -11.54
C GLN A 157 -18.62 -10.47 -10.23
N VAL A 158 -17.98 -9.47 -9.61
CA VAL A 158 -18.55 -8.87 -8.43
C VAL A 158 -18.71 -7.38 -8.67
N VAL A 159 -19.89 -6.85 -8.32
CA VAL A 159 -20.16 -5.42 -8.44
C VAL A 159 -20.72 -4.92 -7.12
N VAL A 160 -20.23 -3.78 -6.65
CA VAL A 160 -20.70 -3.26 -5.38
C VAL A 160 -21.21 -1.86 -5.60
N LYS A 161 -22.46 -1.63 -5.20
CA LYS A 161 -22.99 -0.28 -5.15
C LYS A 161 -22.72 0.25 -3.76
N ILE A 162 -22.02 1.38 -3.68
CA ILE A 162 -21.69 1.97 -2.40
C ILE A 162 -22.26 3.38 -2.26
N ASN A 163 -22.58 3.77 -1.03
CA ASN A 163 -23.04 5.11 -0.75
C ASN A 163 -22.29 5.65 0.46
N ASN A 164 -21.90 6.91 0.41
CA ASN A 164 -21.07 7.46 1.48
C ASN A 164 -21.72 8.68 2.15
N GLU A 165 -23.04 8.80 2.01
CA GLU A 165 -23.76 9.89 2.64
C GLU A 165 -23.80 9.70 4.15
N LEU A 166 -24.03 10.79 4.87
CA LEU A 166 -24.10 10.77 6.33
C LEU A 166 -25.50 11.14 6.76
N ASN A 167 -26.00 10.47 7.79
CA ASN A 167 -27.32 10.82 8.32
C ASN A 167 -27.34 10.65 9.82
N GLU A 168 -28.51 10.74 10.43
CA GLU A 168 -28.62 10.66 11.88
C GLU A 168 -29.21 9.34 12.35
N THR A 169 -29.25 8.36 11.46
CA THR A 169 -29.77 7.04 11.80
C THR A 169 -28.73 5.95 11.63
N SER A 170 -27.50 6.35 11.34
CA SER A 170 -26.40 5.41 11.20
C SER A 170 -25.10 6.09 11.64
N LEU A 171 -24.08 5.28 11.93
CA LEU A 171 -22.82 5.73 12.49
C LEU A 171 -21.72 5.72 11.43
N PRO A 172 -20.84 6.74 11.44
CA PRO A 172 -20.88 7.93 12.30
C PRO A 172 -21.87 8.95 11.77
N CYS A 173 -22.42 9.79 12.64
CA CYS A 173 -23.52 10.67 12.25
C CYS A 173 -23.08 11.93 11.50
N GLY A 174 -23.95 12.40 10.62
CA GLY A 174 -23.68 13.62 9.91
C GLY A 174 -24.90 14.02 9.13
N ALA A 175 -24.73 14.97 8.22
CA ALA A 175 -25.79 15.39 7.32
C ALA A 175 -25.29 15.35 5.89
N THR A 176 -26.22 15.44 4.96
CA THR A 176 -25.88 15.57 3.56
C THR A 176 -26.48 16.86 3.06
N LYS A 177 -25.63 17.74 2.54
CA LYS A 177 -26.11 18.99 1.98
C LYS A 177 -26.30 18.84 0.48
N ILE A 178 -27.39 19.38 -0.02
CA ILE A 178 -27.61 19.42 -1.46
C ILE A 178 -27.42 20.84 -1.97
N LEU A 179 -26.45 21.02 -2.85
CA LEU A 179 -26.26 22.31 -3.51
C LEU A 179 -27.36 22.48 -4.55
N ASN A 180 -27.59 23.71 -4.99
CA ASN A 180 -28.70 23.99 -5.90
C ASN A 180 -28.71 23.17 -7.17
N ASN A 181 -27.54 22.84 -7.67
CA ASN A 181 -27.44 22.00 -8.86
C ASN A 181 -27.74 20.53 -8.57
N GLY A 182 -27.98 20.22 -7.30
CA GLY A 182 -28.24 18.86 -6.89
C GLY A 182 -27.00 18.09 -6.44
N ARG A 183 -25.83 18.73 -6.52
CA ARG A 183 -24.61 18.06 -6.09
C ARG A 183 -24.62 17.90 -4.57
N LYS A 184 -24.24 16.72 -4.09
CA LYS A 184 -24.27 16.41 -2.66
C LYS A 184 -22.92 16.67 -2.02
N LEU A 185 -22.96 17.20 -0.80
CA LEU A 185 -21.78 17.33 0.02
C LEU A 185 -21.94 16.71 1.40
N ALA A 186 -20.98 15.92 1.80
CA ALA A 186 -21.05 15.35 3.13
C ALA A 186 -20.77 16.43 4.17
N LYS A 187 -21.57 16.42 5.24
CA LYS A 187 -21.39 17.34 6.35
C LYS A 187 -21.26 16.56 7.65
N PRO A 188 -20.03 16.17 8.00
CA PRO A 188 -19.85 15.37 9.21
C PRO A 188 -20.17 16.11 10.49
N TYR A 189 -20.66 15.40 11.51
CA TYR A 189 -20.72 15.93 12.87
C TYR A 189 -19.47 15.51 13.63
N PHE A 190 -18.46 15.03 12.90
CA PHE A 190 -17.25 14.49 13.52
C PHE A 190 -16.05 15.12 12.85
N ASP A 191 -14.93 15.13 13.56
CA ASP A 191 -13.72 15.82 13.12
C ASP A 191 -12.77 14.91 12.36
N PHE A 192 -13.26 14.27 11.31
CA PHE A 192 -12.37 13.58 10.39
C PHE A 192 -13.01 13.51 9.01
N PHE A 193 -12.15 13.37 7.99
CA PHE A 193 -12.59 13.49 6.62
C PHE A 193 -13.48 12.32 6.28
N ASN A 194 -14.49 12.56 5.46
CA ASN A 194 -15.41 11.49 5.10
C ASN A 194 -14.85 10.59 4.00
N TYR A 195 -13.75 9.92 4.28
CA TYR A 195 -13.20 8.94 3.35
C TYR A 195 -14.15 7.76 3.18
N SER A 196 -14.15 7.18 1.99
CA SER A 196 -15.08 6.09 1.73
C SER A 196 -14.59 5.28 0.54
N GLY A 197 -15.28 4.19 0.27
CA GLY A 197 -14.88 3.30 -0.80
C GLY A 197 -14.67 1.90 -0.26
N LEU A 198 -13.80 1.14 -0.92
CA LEU A 198 -13.38 -0.17 -0.41
C LEU A 198 -12.00 -0.01 0.19
N GLN A 199 -11.98 0.29 1.50
CA GLN A 199 -10.78 0.76 2.17
C GLN A 199 -9.97 -0.36 2.78
N ARG A 200 -10.50 -1.58 2.75
CA ARG A 200 -9.79 -2.72 3.32
C ARG A 200 -9.74 -3.87 2.35
N SER A 201 -8.98 -4.91 2.69
CA SER A 201 -8.78 -6.01 1.76
C SER A 201 -10.11 -6.71 1.45
N VAL A 202 -10.18 -7.28 0.26
CA VAL A 202 -11.34 -8.06 -0.16
C VAL A 202 -10.89 -9.46 -0.56
N TRP A 203 -11.60 -10.46 -0.11
CA TRP A 203 -11.31 -11.85 -0.49
C TRP A 203 -12.53 -12.55 -1.03
N VAL A 204 -12.28 -13.57 -1.82
CA VAL A 204 -13.34 -14.55 -2.03
C VAL A 204 -12.84 -15.80 -1.33
N ILE A 205 -13.70 -16.44 -0.54
CA ILE A 205 -13.29 -17.57 0.28
C ILE A 205 -14.23 -18.77 0.10
N ALA A 206 -13.73 -19.94 0.44
CA ALA A 206 -14.54 -21.16 0.42
C ALA A 206 -14.42 -21.89 1.75
N LEU A 207 -15.57 -22.22 2.33
CA LEU A 207 -15.66 -22.87 3.63
C LEU A 207 -16.27 -24.22 3.42
N PRO A 208 -15.96 -25.18 4.29
CA PRO A 208 -16.70 -26.44 4.23
C PRO A 208 -18.17 -26.22 4.56
N GLU A 209 -19.03 -27.15 4.14
CA GLU A 209 -20.46 -26.98 4.28
C GLU A 209 -20.88 -26.93 5.76
N GLU A 210 -20.14 -27.63 6.62
CA GLU A 210 -20.32 -27.49 8.06
C GLU A 210 -19.03 -26.86 8.62
N SER A 211 -19.13 -25.64 9.13
CA SER A 211 -17.92 -24.88 9.48
C SER A 211 -18.00 -24.24 10.86
N VAL A 212 -16.84 -23.93 11.40
CA VAL A 212 -16.74 -23.12 12.60
C VAL A 212 -17.16 -21.70 12.25
N LYS A 213 -18.21 -21.22 12.90
CA LYS A 213 -18.76 -19.91 12.57
C LYS A 213 -18.30 -18.83 13.56
N ASP A 214 -18.10 -19.24 14.80
CA ASP A 214 -17.72 -18.31 15.85
C ASP A 214 -17.14 -19.10 17.01
N TYR A 215 -16.30 -18.44 17.80
CA TYR A 215 -15.91 -19.03 19.06
C TYR A 215 -15.56 -17.88 20.01
N SER A 216 -15.57 -18.18 21.30
CA SER A 216 -15.24 -17.19 22.32
C SER A 216 -14.34 -17.85 23.34
N VAL A 217 -13.32 -17.12 23.79
CA VAL A 217 -12.50 -17.58 24.89
C VAL A 217 -12.55 -16.59 26.06
N ASP A 218 -12.41 -17.14 27.26
CA ASP A 218 -12.38 -16.36 28.49
C ASP A 218 -11.32 -17.01 29.38
N TYR A 219 -10.61 -16.22 30.18
CA TYR A 219 -9.47 -16.74 30.90
C TYR A 219 -9.61 -16.64 32.41
N GLU A 220 -9.00 -17.60 33.10
CA GLU A 220 -8.89 -17.56 34.55
C GLU A 220 -7.48 -17.94 34.96
N LEU A 221 -6.91 -17.19 35.88
CA LEU A 221 -5.56 -17.49 36.34
C LEU A 221 -5.63 -18.30 37.63
N CYS A 222 -4.93 -19.43 37.64
CA CYS A 222 -4.94 -20.34 38.78
C CYS A 222 -3.51 -20.65 39.21
N GLY A 223 -2.94 -19.77 40.01
CA GLY A 223 -1.56 -19.90 40.43
C GLY A 223 -0.62 -19.76 39.24
N THR A 224 0.08 -20.83 38.92
CA THR A 224 1.00 -20.83 37.78
C THR A 224 0.29 -21.41 36.56
N ASP A 225 -0.96 -21.83 36.75
CA ASP A 225 -1.74 -22.41 35.68
C ASP A 225 -2.83 -21.47 35.21
N ALA A 226 -3.39 -21.76 34.04
CA ALA A 226 -4.50 -20.97 33.53
C ALA A 226 -5.61 -21.86 33.01
N LEU A 227 -6.82 -21.33 33.01
CA LEU A 227 -7.94 -21.98 32.36
C LEU A 227 -8.41 -21.16 31.17
N VAL A 228 -8.63 -21.84 30.05
CA VAL A 228 -9.22 -21.21 28.89
C VAL A 228 -10.63 -21.75 28.72
N LYS A 229 -11.61 -20.98 29.09
CA LYS A 229 -12.98 -21.37 28.95
C LYS A 229 -13.41 -20.97 27.54
N TYR A 230 -14.17 -21.81 26.88
CA TYR A 230 -14.53 -21.50 25.51
C TYR A 230 -15.94 -21.94 25.14
N GLU A 231 -16.45 -21.36 24.08
CA GLU A 231 -17.57 -21.91 23.41
C GLU A 231 -17.40 -21.74 21.91
N VAL A 232 -17.94 -22.70 21.16
CA VAL A 232 -17.78 -22.76 19.72
C VAL A 232 -19.15 -22.81 19.08
N VAL A 233 -19.34 -22.04 18.02
CA VAL A 233 -20.59 -22.07 17.26
C VAL A 233 -20.26 -22.58 15.87
N THR A 234 -20.94 -23.65 15.44
CA THR A 234 -20.72 -24.17 14.09
C THR A 234 -22.00 -24.11 13.30
N THR A 235 -21.94 -24.43 12.02
CA THR A 235 -23.14 -24.46 11.19
C THR A 235 -23.69 -25.87 11.05
N GLY A 236 -23.32 -26.76 11.97
CA GLY A 236 -23.80 -28.13 11.97
C GLY A 236 -23.91 -28.76 13.36
N GLU A 237 -24.03 -30.08 13.40
CA GLU A 237 -24.27 -30.81 14.65
C GLU A 237 -23.15 -31.76 15.03
N HIS A 238 -22.13 -31.90 14.18
CA HIS A 238 -21.07 -32.84 14.47
C HIS A 238 -20.19 -32.40 15.64
N PRO A 239 -19.49 -33.37 16.24
CA PRO A 239 -18.63 -33.14 17.39
C PRO A 239 -17.52 -32.12 17.12
N VAL A 240 -17.15 -31.38 18.16
CA VAL A 240 -16.06 -30.41 18.10
C VAL A 240 -14.93 -30.81 19.06
N ILE A 241 -13.71 -30.73 18.54
CA ILE A 241 -12.51 -30.95 19.32
C ILE A 241 -11.77 -29.60 19.37
N VAL A 242 -11.29 -29.24 20.55
CA VAL A 242 -10.54 -27.98 20.69
C VAL A 242 -9.17 -28.28 21.27
N ARG A 243 -8.15 -27.84 20.56
CA ARG A 243 -6.77 -28.01 20.99
C ARG A 243 -6.13 -26.66 21.25
N LEU A 244 -5.17 -26.63 22.16
CA LEU A 244 -4.35 -25.44 22.33
C LEU A 244 -2.89 -25.80 22.12
N LEU A 245 -2.23 -25.05 21.24
CA LEU A 245 -0.82 -25.23 20.97
C LEU A 245 -0.01 -24.05 21.50
N ASP A 246 1.20 -24.31 22.00
CA ASP A 246 2.02 -23.20 22.48
C ASP A 246 2.70 -22.53 21.28
N ALA A 247 3.54 -21.54 21.54
CA ALA A 247 4.13 -20.72 20.47
C ALA A 247 5.06 -21.52 19.58
N GLU A 248 5.45 -22.71 20.04
CA GLU A 248 6.27 -23.62 19.25
C GLU A 248 5.42 -24.66 18.50
N GLY A 249 4.13 -24.74 18.82
CA GLY A 249 3.26 -25.66 18.12
C GLY A 249 3.05 -26.98 18.87
N GLU A 250 3.51 -27.03 20.10
CA GLU A 250 3.36 -28.21 20.93
C GLU A 250 2.03 -28.21 21.64
N LEU A 251 1.35 -29.36 21.65
CA LEU A 251 0.05 -29.50 22.28
C LEU A 251 0.14 -29.29 23.79
N VAL A 252 -0.69 -28.40 24.34
CA VAL A 252 -0.64 -28.15 25.78
C VAL A 252 -1.99 -28.44 26.44
N ALA A 253 -3.04 -28.53 25.63
CA ALA A 253 -4.36 -28.86 26.14
C ALA A 253 -5.27 -29.34 25.02
N GLU A 254 -6.17 -30.26 25.35
CA GLU A 254 -7.11 -30.80 24.38
C GLU A 254 -8.39 -31.19 25.08
N THR A 255 -9.53 -30.89 24.47
CA THR A 255 -10.81 -31.29 25.05
C THR A 255 -11.87 -31.37 23.97
N GLU A 256 -13.03 -31.93 24.32
CA GLU A 256 -14.12 -32.19 23.39
C GLU A 256 -15.35 -31.41 23.78
N GLY A 257 -16.10 -30.96 22.81
CA GLY A 257 -17.36 -30.31 23.08
C GLY A 257 -17.41 -28.89 22.55
N LYS A 258 -18.60 -28.40 22.24
CA LYS A 258 -18.74 -27.02 21.79
C LYS A 258 -18.61 -26.02 22.96
N GLU A 259 -18.75 -26.51 24.19
CA GLU A 259 -18.45 -25.72 25.39
C GLU A 259 -17.42 -26.48 26.18
N GLY A 260 -16.42 -25.79 26.71
CA GLY A 260 -15.46 -26.53 27.51
C GLY A 260 -14.42 -25.69 28.19
N ILE A 261 -13.45 -26.38 28.80
CA ILE A 261 -12.37 -25.71 29.50
C ILE A 261 -11.04 -26.37 29.18
N LEU A 262 -10.09 -25.56 28.73
CA LEU A 262 -8.73 -26.02 28.49
C LEU A 262 -7.87 -25.70 29.69
N GLN A 263 -7.20 -26.67 30.26
CA GLN A 263 -6.37 -26.45 31.41
C GLN A 263 -4.94 -26.33 30.95
N VAL A 264 -4.30 -25.22 31.27
CA VAL A 264 -2.95 -24.97 30.83
C VAL A 264 -1.99 -24.92 32.01
N ALA A 265 -1.12 -25.91 32.10
CA ALA A 265 -0.12 -25.95 33.16
C ALA A 265 0.99 -24.94 32.87
N ASN A 266 1.43 -24.24 33.91
CA ASN A 266 2.53 -23.29 33.78
C ASN A 266 2.32 -22.34 32.61
N ALA A 267 1.15 -21.71 32.58
CA ALA A 267 0.78 -20.86 31.46
C ALA A 267 1.76 -19.71 31.28
N ARG A 268 2.14 -19.44 30.04
CA ARG A 268 2.95 -18.27 29.73
C ARG A 268 2.02 -17.12 29.36
N LEU A 269 1.78 -16.23 30.31
CA LEU A 269 0.75 -15.21 30.13
C LEU A 269 1.16 -14.19 29.07
N TRP A 270 0.15 -13.66 28.38
CA TRP A 270 0.34 -12.54 27.47
C TRP A 270 0.45 -11.30 28.33
N GLU A 271 1.57 -10.59 28.20
CA GLU A 271 1.87 -9.45 29.06
C GLU A 271 2.00 -8.15 28.26
N VAL A 272 1.76 -7.02 28.92
CA VAL A 272 1.91 -5.72 28.28
C VAL A 272 3.30 -5.58 27.71
N ARG A 273 3.37 -5.27 26.41
CA ARG A 273 4.65 -5.10 25.72
C ARG A 273 5.55 -6.32 25.89
N ASN A 274 4.94 -7.49 26.08
CA ASN A 274 5.69 -8.72 26.23
C ASN A 274 4.76 -9.88 25.92
N ALA A 275 4.35 -9.95 24.66
CA ALA A 275 3.32 -10.87 24.21
C ALA A 275 3.80 -12.31 24.23
N TYR A 276 2.85 -13.20 24.45
CA TYR A 276 3.04 -14.60 24.18
C TYR A 276 1.72 -15.08 23.64
N LEU A 277 1.77 -15.77 22.51
CA LEU A 277 0.53 -16.20 21.85
C LEU A 277 0.49 -17.71 21.72
N TYR A 278 -0.56 -18.30 22.28
CA TYR A 278 -0.90 -19.68 21.99
C TYR A 278 -1.68 -19.72 20.68
N GLN A 279 -1.89 -20.92 20.17
CA GLN A 279 -2.71 -21.10 19.00
C GLN A 279 -3.85 -22.02 19.36
N ILE A 280 -5.08 -21.52 19.27
CA ILE A 280 -6.23 -22.38 19.45
C ILE A 280 -6.56 -23.05 18.11
N VAL A 281 -6.96 -24.31 18.20
CA VAL A 281 -7.27 -25.09 17.01
C VAL A 281 -8.63 -25.70 17.22
N ILE A 282 -9.57 -25.33 16.36
CA ILE A 282 -10.94 -25.81 16.50
C ILE A 282 -11.29 -26.74 15.35
N LEU A 283 -11.58 -28.00 15.70
CA LEU A 283 -11.85 -29.00 14.69
C LEU A 283 -13.30 -29.44 14.76
N ILE A 284 -13.94 -29.58 13.60
CA ILE A 284 -15.20 -30.33 13.54
C ILE A 284 -14.90 -31.70 12.98
N THR A 285 -15.50 -32.75 13.55
CA THR A 285 -15.21 -34.09 13.07
C THR A 285 -16.49 -34.90 12.90
N ASP A 286 -16.48 -35.86 11.97
CA ASP A 286 -17.62 -36.76 11.81
C ASP A 286 -17.26 -38.25 11.91
N GLY A 287 -16.04 -38.56 12.32
CA GLY A 287 -15.71 -39.98 12.48
C GLY A 287 -15.27 -40.69 11.21
N ASN A 288 -15.38 -40.02 10.06
CA ASN A 288 -14.50 -40.38 8.95
C ASN A 288 -13.37 -39.37 8.91
N GLY A 289 -13.40 -38.43 9.85
CA GLY A 289 -12.32 -37.47 10.00
C GLY A 289 -12.76 -36.03 10.18
N VAL A 290 -11.81 -35.13 10.05
CA VAL A 290 -12.06 -33.70 10.24
C VAL A 290 -12.85 -33.09 9.09
N LEU A 291 -13.82 -32.27 9.44
CA LEU A 291 -14.64 -31.57 8.47
C LEU A 291 -14.22 -30.11 8.26
N ASP A 292 -13.75 -29.53 9.33
CA ASP A 292 -13.31 -28.13 9.31
C ASP A 292 -12.24 -27.95 10.35
N GLU A 293 -11.36 -26.98 10.12
CA GLU A 293 -10.32 -26.66 11.07
C GLU A 293 -10.15 -25.16 11.06
N TYR A 294 -10.31 -24.55 12.24
CA TYR A 294 -10.03 -23.13 12.37
C TYR A 294 -8.92 -22.93 13.38
N ARG A 295 -7.94 -22.10 13.03
CA ARG A 295 -6.79 -21.81 13.90
C ARG A 295 -6.65 -20.32 14.08
N GLU A 296 -6.30 -19.88 15.27
CA GLU A 296 -6.08 -18.46 15.50
C GLU A 296 -5.20 -18.29 16.73
N LYS A 297 -4.34 -17.26 16.72
CA LYS A 297 -3.50 -17.01 17.88
C LYS A 297 -4.29 -16.27 18.94
N ILE A 298 -4.13 -16.67 20.19
CA ILE A 298 -4.75 -15.98 21.30
C ILE A 298 -3.75 -15.82 22.43
N GLY A 299 -4.06 -14.94 23.38
CA GLY A 299 -3.13 -14.70 24.46
C GLY A 299 -3.86 -14.83 25.77
N ILE A 300 -3.27 -15.58 26.71
CA ILE A 300 -3.87 -15.80 28.00
C ILE A 300 -3.63 -14.58 28.87
N ARG A 301 -4.67 -13.82 29.14
CA ARG A 301 -4.53 -12.64 30.01
C ARG A 301 -5.84 -12.29 30.61
N THR A 302 -5.84 -11.68 31.77
CA THR A 302 -7.09 -11.21 32.34
C THR A 302 -7.07 -9.70 32.45
N VAL A 303 -8.23 -9.09 32.31
CA VAL A 303 -8.36 -7.67 32.53
C VAL A 303 -9.52 -7.39 33.47
N ARG A 304 -9.28 -6.59 34.50
CA ARG A 304 -10.40 -6.16 35.32
C ARG A 304 -10.14 -4.82 35.98
N ILE A 305 -11.22 -4.18 36.36
CA ILE A 305 -11.15 -2.93 37.11
C ILE A 305 -11.37 -3.24 38.59
N GLU A 306 -10.44 -2.80 39.43
CA GLU A 306 -10.57 -2.96 40.87
C GLU A 306 -10.33 -1.59 41.50
N GLY A 307 -11.39 -0.98 42.02
CA GLY A 307 -11.31 0.37 42.54
C GLY A 307 -10.82 1.26 41.41
N THR A 308 -9.79 2.05 41.67
CA THR A 308 -9.29 2.99 40.66
C THR A 308 -8.16 2.38 39.82
N LYS A 309 -7.96 1.08 39.93
CA LYS A 309 -6.90 0.41 39.20
C LYS A 309 -7.41 -0.41 38.02
N ILE A 310 -6.67 -0.33 36.92
CA ILE A 310 -6.86 -1.22 35.79
C ILE A 310 -5.89 -2.37 35.97
N LEU A 311 -6.41 -3.59 36.10
CA LEU A 311 -5.55 -4.74 36.39
C LEU A 311 -5.38 -5.63 35.17
N LEU A 312 -4.14 -5.83 34.78
CA LEU A 312 -3.81 -6.78 33.72
C LEU A 312 -3.07 -7.94 34.35
N ASN A 313 -3.66 -9.13 34.30
CA ASN A 313 -3.09 -10.28 34.99
C ASN A 313 -2.85 -9.97 36.48
N ASP A 314 -3.86 -9.35 37.08
CA ASP A 314 -3.91 -8.97 38.48
C ASP A 314 -2.89 -7.93 38.93
N ARG A 315 -2.25 -7.28 37.99
CA ARG A 315 -1.31 -6.22 38.33
C ARG A 315 -1.75 -4.90 37.70
N PRO A 316 -1.64 -3.80 38.45
CA PRO A 316 -2.05 -2.50 37.91
C PRO A 316 -1.25 -2.11 36.68
N VAL A 317 -1.92 -1.52 35.71
CA VAL A 317 -1.27 -1.02 34.52
C VAL A 317 -1.73 0.39 34.32
N TYR A 318 -0.78 1.26 33.96
CA TYR A 318 -1.07 2.65 33.62
C TYR A 318 -1.03 2.76 32.10
N LEU A 319 -2.15 3.16 31.48
CA LEU A 319 -2.21 3.22 30.00
C LEU A 319 -1.42 4.42 29.51
N LYS A 320 -0.58 4.19 28.50
CA LYS A 320 0.24 5.24 27.90
C LYS A 320 0.17 5.09 26.39
N GLY A 321 -0.29 6.13 25.69
CA GLY A 321 -0.34 6.01 24.25
C GLY A 321 -1.15 7.11 23.60
N PHE A 322 -1.99 6.71 22.65
CA PHE A 322 -2.61 7.65 21.72
C PHE A 322 -3.98 7.22 21.26
N GLY A 323 -4.80 8.20 20.90
CA GLY A 323 -5.84 7.98 19.91
C GLY A 323 -5.18 8.00 18.54
N LYS A 324 -5.63 7.12 17.64
CA LYS A 324 -5.09 7.10 16.29
C LYS A 324 -6.20 7.39 15.28
N HIS A 325 -5.90 7.15 14.01
CA HIS A 325 -6.89 7.14 12.96
C HIS A 325 -6.37 6.17 11.92
N GLU A 326 -7.24 5.63 11.08
CA GLU A 326 -6.77 4.98 9.87
C GLU A 326 -6.64 6.07 8.83
N ASP A 327 -5.42 6.56 8.65
CA ASP A 327 -5.20 7.75 7.85
C ASP A 327 -3.75 7.80 7.40
N PHE A 328 -3.53 8.01 6.12
CA PHE A 328 -2.18 8.03 5.55
C PHE A 328 -2.25 8.77 4.23
N PRO A 329 -1.18 9.47 3.85
CA PRO A 329 -1.19 10.24 2.60
C PRO A 329 -1.62 9.42 1.39
N ILE A 330 -2.52 10.02 0.61
CA ILE A 330 -3.02 9.48 -0.65
C ILE A 330 -3.96 8.29 -0.46
N LEU A 331 -3.56 7.29 0.31
CA LEU A 331 -4.41 6.11 0.51
C LEU A 331 -5.65 6.38 1.37
N GLY A 332 -5.64 7.49 2.11
CA GLY A 332 -6.73 7.82 3.01
C GLY A 332 -6.79 6.81 4.16
N ARG A 333 -7.90 6.09 4.27
CA ARG A 333 -8.00 5.05 5.29
C ARG A 333 -7.63 3.70 4.74
N GLY A 334 -7.13 3.66 3.50
CA GLY A 334 -6.73 2.41 2.88
C GLY A 334 -5.78 1.59 3.74
N PHE A 335 -6.09 0.33 3.91
CA PHE A 335 -5.22 -0.51 4.73
C PHE A 335 -3.91 -0.85 4.04
N HIS A 336 -2.81 -0.79 4.81
CA HIS A 336 -1.51 -1.25 4.31
C HIS A 336 -0.67 -1.71 5.49
N TRP A 337 -0.05 -2.88 5.39
CA TRP A 337 0.77 -3.38 6.49
C TRP A 337 1.96 -2.47 6.81
N GLY A 338 2.39 -1.72 5.79
CA GLY A 338 3.48 -0.77 5.97
C GLY A 338 3.12 0.31 6.99
N ILE A 339 1.88 0.76 6.94
CA ILE A 339 1.42 1.78 7.88
C ILE A 339 1.41 1.20 9.28
N VAL A 340 0.93 -0.04 9.38
CA VAL A 340 0.94 -0.75 10.65
C VAL A 340 2.37 -0.86 11.19
N LYS A 341 3.29 -1.32 10.35
CA LYS A 341 4.66 -1.50 10.80
C LYS A 341 5.31 -0.19 11.27
N ARG A 342 5.19 0.88 10.48
CA ARG A 342 5.80 2.15 10.86
C ARG A 342 5.18 2.66 12.15
N ASP A 343 3.85 2.59 12.24
CA ASP A 343 3.17 3.12 13.41
C ASP A 343 3.56 2.37 14.68
N PHE A 344 3.68 1.05 14.63
CA PHE A 344 4.09 0.32 15.84
C PHE A 344 5.54 0.59 16.22
N GLU A 345 6.41 0.78 15.22
CA GLU A 345 7.79 1.13 15.53
C GLU A 345 7.84 2.49 16.22
N CYS A 346 7.02 3.43 15.74
CA CYS A 346 6.93 4.75 16.38
C CYS A 346 6.34 4.63 17.78
N LEU A 347 5.28 3.83 17.91
CA LEU A 347 4.65 3.65 19.22
C LEU A 347 5.66 3.08 20.23
N LYS A 348 6.41 2.07 19.82
CA LYS A 348 7.39 1.47 20.73
C LYS A 348 8.48 2.46 21.09
N TRP A 349 8.87 3.29 20.12
CA TRP A 349 9.93 4.28 20.37
C TRP A 349 9.47 5.32 21.38
N THR A 350 8.17 5.62 21.43
CA THR A 350 7.65 6.53 22.47
C THR A 350 7.47 5.83 23.83
N ASN A 351 7.64 4.52 23.88
CA ASN A 351 7.41 3.72 25.10
C ASN A 351 5.94 3.63 25.49
N ALA A 352 5.06 3.78 24.51
CA ALA A 352 3.62 3.61 24.72
C ALA A 352 3.28 2.15 24.94
N ASN A 353 2.11 1.91 25.52
CA ASN A 353 1.61 0.54 25.63
C ASN A 353 0.17 0.38 25.17
N CYS A 354 -0.42 1.45 24.63
CA CYS A 354 -1.86 1.43 24.40
C CYS A 354 -2.32 2.39 23.31
N PHE A 355 -3.31 2.00 22.52
CA PHE A 355 -4.04 2.99 21.73
C PHE A 355 -5.54 2.69 21.69
N ARG A 356 -6.30 3.75 21.42
CA ARG A 356 -7.74 3.64 21.19
C ARG A 356 -8.02 3.70 19.69
N THR A 357 -8.90 2.84 19.18
CA THR A 357 -9.25 2.87 17.76
C THR A 357 -10.26 3.99 17.52
N SER A 358 -9.87 5.21 17.82
CA SER A 358 -10.68 6.36 17.51
C SER A 358 -10.85 6.48 16.00
N HIS A 359 -12.07 6.70 15.48
CA HIS A 359 -13.35 6.61 16.18
C HIS A 359 -14.21 5.54 15.50
N TYR A 360 -13.64 4.37 15.29
CA TYR A 360 -14.27 3.29 14.54
C TYR A 360 -13.37 2.07 14.67
N PRO A 361 -13.93 0.88 14.54
CA PRO A 361 -13.04 -0.28 14.52
C PRO A 361 -12.08 -0.19 13.34
N TYR A 362 -10.84 -0.58 13.58
CA TYR A 362 -9.84 -0.57 12.51
C TYR A 362 -9.84 -1.87 11.75
N ALA A 363 -9.06 -1.93 10.68
CA ALA A 363 -8.85 -3.20 9.98
C ALA A 363 -8.34 -4.23 10.97
N GLU A 364 -8.77 -5.48 10.80
CA GLU A 364 -8.44 -6.54 11.72
C GLU A 364 -6.94 -6.69 11.93
N GLU A 365 -6.17 -6.40 10.88
CA GLU A 365 -4.72 -6.54 10.94
C GLU A 365 -4.05 -5.69 12.04
N TRP A 366 -4.65 -4.55 12.38
CA TRP A 366 -4.13 -3.72 13.47
C TRP A 366 -4.16 -4.45 14.80
N TYR A 367 -5.22 -5.22 15.02
CA TYR A 367 -5.40 -5.95 16.27
C TYR A 367 -4.48 -7.17 16.31
N GLN A 368 -4.33 -7.83 15.17
CA GLN A 368 -3.41 -8.95 15.07
C GLN A 368 -2.02 -8.52 15.45
N PHE A 369 -1.61 -7.36 14.96
CA PHE A 369 -0.27 -6.88 15.25
C PHE A 369 -0.16 -6.42 16.70
N ALA A 370 -1.20 -5.77 17.23
CA ALA A 370 -1.17 -5.41 18.65
C ALA A 370 -0.99 -6.64 19.51
N ASP A 371 -1.62 -7.73 19.11
CA ASP A 371 -1.49 -9.01 19.83
C ASP A 371 -0.03 -9.46 19.89
N GLU A 372 0.66 -9.30 18.78
CA GLU A 372 2.04 -9.77 18.72
C GLU A 372 2.98 -8.83 19.42
N GLU A 373 2.65 -7.56 19.44
CA GLU A 373 3.54 -6.56 20.03
C GLU A 373 3.20 -6.27 21.49
N GLY A 374 2.16 -6.91 21.99
CA GLY A 374 1.76 -6.69 23.37
C GLY A 374 1.16 -5.32 23.65
N PHE A 375 0.52 -4.71 22.66
CA PHE A 375 -0.19 -3.46 22.93
C PHE A 375 -1.60 -3.67 23.40
N LEU A 376 -2.04 -2.75 24.27
CA LEU A 376 -3.40 -2.73 24.78
C LEU A 376 -4.27 -1.87 23.88
N ILE A 377 -5.47 -2.35 23.58
CA ILE A 377 -6.38 -1.61 22.71
C ILE A 377 -7.70 -1.34 23.39
N ILE A 378 -8.14 -0.08 23.32
CA ILE A 378 -9.53 0.26 23.59
C ILE A 378 -10.25 0.31 22.24
N ASP A 379 -11.13 -0.66 22.01
CA ASP A 379 -11.80 -0.85 20.72
C ASP A 379 -13.09 -0.02 20.69
N GLU A 380 -13.20 0.87 19.72
CA GLU A 380 -14.26 1.87 19.72
C GLU A 380 -15.18 1.74 18.52
N VAL A 381 -16.48 1.71 18.81
CA VAL A 381 -17.54 1.63 17.81
C VAL A 381 -17.72 3.04 17.22
N PRO A 382 -18.23 3.17 15.97
CA PRO A 382 -18.20 4.52 15.38
C PRO A 382 -19.29 5.46 15.85
N ALA A 383 -19.62 5.39 17.14
CA ALA A 383 -20.67 6.24 17.72
C ALA A 383 -20.12 7.63 18.03
N VAL A 384 -19.84 8.37 16.97
CA VAL A 384 -19.32 9.70 17.10
C VAL A 384 -20.21 10.62 16.28
N GLY A 385 -20.34 11.86 16.72
CA GLY A 385 -21.19 12.82 16.04
C GLY A 385 -22.62 12.78 16.53
N MET A 386 -22.84 12.22 17.71
CA MET A 386 -24.19 12.12 18.26
C MET A 386 -24.54 13.34 19.13
N ALA A 407 -35.54 13.02 19.17
CA ALA A 407 -36.35 13.11 17.96
C ALA A 407 -36.70 11.71 17.44
N LEU A 408 -37.73 11.63 16.63
CA LEU A 408 -38.06 10.47 15.87
C LEU A 408 -36.93 10.29 14.86
N THR A 409 -35.98 9.44 15.19
CA THR A 409 -34.87 8.91 14.37
C THR A 409 -33.95 8.16 15.36
N VAL A 410 -34.14 8.42 16.64
CA VAL A 410 -33.28 7.83 17.64
C VAL A 410 -33.41 6.30 17.73
N PRO A 411 -34.64 5.77 17.66
CA PRO A 411 -34.77 4.30 17.65
C PRO A 411 -34.00 3.63 16.51
N GLU A 412 -34.04 4.21 15.31
CA GLU A 412 -33.25 3.67 14.20
C GLU A 412 -31.76 3.76 14.50
N LEU A 413 -31.33 4.91 15.01
CA LEU A 413 -29.94 5.11 15.38
C LEU A 413 -29.50 4.08 16.41
N LEU A 414 -30.34 3.83 17.41
CA LEU A 414 -30.02 2.87 18.46
C LEU A 414 -29.83 1.47 17.85
N LYS A 415 -30.70 1.10 16.92
CA LYS A 415 -30.56 -0.20 16.27
C LYS A 415 -29.22 -0.30 15.53
N SER A 416 -28.85 0.74 14.80
CA SER A 416 -27.57 0.75 14.08
C SER A 416 -26.40 0.66 15.04
N HIS A 417 -26.51 1.39 16.14
CA HIS A 417 -25.45 1.48 17.14
C HIS A 417 -25.25 0.10 17.79
N ILE A 418 -26.36 -0.57 18.12
CA ILE A 418 -26.26 -1.89 18.70
C ILE A 418 -25.76 -2.91 17.68
N ALA A 419 -26.19 -2.79 16.43
CA ALA A 419 -25.71 -3.70 15.39
C ALA A 419 -24.20 -3.60 15.22
N ASP A 420 -23.68 -2.36 15.14
CA ASP A 420 -22.24 -2.14 15.01
C ASP A 420 -21.51 -2.69 16.22
N THR A 421 -22.10 -2.50 17.40
CA THR A 421 -21.52 -3.01 18.62
C THR A 421 -21.45 -4.53 18.57
N GLU A 422 -22.53 -5.17 18.13
CA GLU A 422 -22.53 -6.63 18.02
C GLU A 422 -21.43 -7.10 17.06
N GLU A 423 -21.34 -6.45 15.90
CA GLU A 423 -20.36 -6.84 14.90
C GLU A 423 -18.94 -6.62 15.41
N MET A 424 -18.70 -5.48 16.05
CA MET A 424 -17.37 -5.17 16.54
C MET A 424 -16.93 -6.19 17.58
N ILE A 425 -17.80 -6.44 18.55
CA ILE A 425 -17.43 -7.32 19.64
C ILE A 425 -17.27 -8.74 19.14
N THR A 426 -18.18 -9.18 18.27
CA THR A 426 -18.07 -10.52 17.73
C THR A 426 -16.78 -10.66 16.92
N ARG A 427 -16.39 -9.61 16.18
CA ARG A 427 -15.17 -9.68 15.40
C ARG A 427 -13.90 -9.69 16.26
N ASP A 428 -13.89 -8.92 17.36
CA ASP A 428 -12.64 -8.56 18.02
C ASP A 428 -12.40 -9.19 19.40
N LYS A 429 -13.42 -9.87 19.94
CA LYS A 429 -13.38 -10.33 21.33
C LYS A 429 -12.21 -11.25 21.66
N ASN A 430 -11.71 -11.98 20.68
CA ASN A 430 -10.68 -12.97 21.00
C ASN A 430 -9.25 -12.44 20.87
N HIS A 431 -9.11 -11.18 20.53
CA HIS A 431 -7.79 -10.54 20.56
C HIS A 431 -7.37 -10.29 22.01
N PRO A 432 -6.19 -10.79 22.42
CA PRO A 432 -5.75 -10.45 23.78
C PRO A 432 -5.50 -8.94 23.93
N SER A 433 -5.17 -8.27 22.84
CA SER A 433 -4.91 -6.82 22.90
C SER A 433 -6.15 -6.03 23.30
N VAL A 434 -7.35 -6.53 22.99
CA VAL A 434 -8.53 -5.73 23.23
C VAL A 434 -8.94 -5.86 24.70
N ILE A 435 -8.73 -4.80 25.45
CA ILE A 435 -8.98 -4.86 26.88
C ILE A 435 -10.21 -4.07 27.30
N ALA A 436 -10.81 -3.36 26.37
CA ALA A 436 -11.97 -2.54 26.69
C ALA A 436 -12.72 -2.16 25.43
N TRP A 437 -14.02 -1.94 25.58
CA TRP A 437 -14.87 -1.46 24.50
C TRP A 437 -15.22 -0.03 24.79
N SER A 438 -15.00 0.85 23.81
CA SER A 438 -15.51 2.21 23.90
C SER A 438 -16.77 2.31 23.06
N LEU A 439 -17.86 2.67 23.70
CA LEU A 439 -19.16 2.58 23.06
C LEU A 439 -19.67 3.92 22.57
N PHE A 440 -18.87 4.98 22.75
CA PHE A 440 -19.23 6.28 22.21
C PHE A 440 -18.05 7.25 22.35
N ASN A 441 -18.10 8.30 21.53
CA ASN A 441 -17.20 9.44 21.63
C ASN A 441 -18.02 10.71 21.61
N GLU A 442 -18.17 11.31 22.76
CA GLU A 442 -18.84 12.58 22.88
C GLU A 442 -20.27 12.69 22.38
N PRO A 443 -21.16 11.92 22.97
CA PRO A 443 -22.59 12.05 22.68
C PRO A 443 -23.22 12.97 23.71
N GLU A 444 -24.49 13.31 23.57
CA GLU A 444 -25.20 13.94 24.67
C GLU A 444 -25.36 12.93 25.79
N THR A 445 -25.12 13.35 27.03
CA THR A 445 -25.19 12.44 28.18
C THR A 445 -25.94 13.02 29.37
N ILE A 446 -26.48 14.22 29.22
CA ILE A 446 -27.04 14.96 30.36
C ILE A 446 -28.55 14.83 30.51
N THR A 447 -29.18 14.01 29.67
CA THR A 447 -30.63 13.84 29.76
C THR A 447 -31.02 12.41 30.11
N ASP A 448 -32.27 12.22 30.52
CA ASP A 448 -32.76 10.89 30.85
C ASP A 448 -32.91 10.06 29.59
N TYR A 449 -33.22 10.73 28.52
CA TYR A 449 -33.28 10.08 27.29
C TYR A 449 -31.94 9.41 26.86
N ALA A 450 -30.85 10.14 26.99
CA ALA A 450 -29.54 9.58 26.71
C ALA A 450 -29.25 8.39 27.60
N TYR A 451 -29.68 8.46 28.86
CA TYR A 451 -29.41 7.38 29.80
C TYR A 451 -30.09 6.09 29.35
N GLU A 452 -31.35 6.20 28.96
CA GLU A 452 -32.10 5.03 28.51
C GLU A 452 -31.49 4.42 27.26
N TYR A 453 -31.07 5.29 26.35
CA TYR A 453 -30.40 4.91 25.13
C TYR A 453 -29.12 4.12 25.43
N PHE A 454 -28.26 4.69 26.25
CA PHE A 454 -26.99 4.03 26.49
C PHE A 454 -27.13 2.83 27.40
N LYS A 455 -28.16 2.81 28.24
CA LYS A 455 -28.44 1.60 29.00
C LYS A 455 -28.60 0.40 28.04
N GLU A 456 -29.28 0.61 26.92
CA GLU A 456 -29.49 -0.48 25.96
C GLU A 456 -28.18 -0.87 25.28
N VAL A 457 -27.35 0.11 24.96
CA VAL A 457 -26.08 -0.19 24.29
C VAL A 457 -25.16 -0.98 25.19
N PHE A 458 -25.02 -0.56 26.45
CA PHE A 458 -24.14 -1.29 27.34
C PHE A 458 -24.68 -2.69 27.64
N ALA A 459 -26.00 -2.81 27.72
CA ALA A 459 -26.61 -4.11 27.99
C ALA A 459 -26.29 -5.07 26.85
N ALA A 460 -26.44 -4.57 25.63
CA ALA A 460 -26.16 -5.37 24.43
C ALA A 460 -24.69 -5.75 24.36
N ALA A 461 -23.80 -4.80 24.64
CA ALA A 461 -22.38 -5.10 24.60
C ALA A 461 -22.02 -6.21 25.58
N GLU A 462 -22.62 -6.15 26.77
CA GLU A 462 -22.37 -7.17 27.78
C GLU A 462 -22.80 -8.56 27.31
N THR A 463 -23.93 -8.61 26.60
CA THR A 463 -24.43 -9.91 26.16
C THR A 463 -23.52 -10.46 25.06
N TYR A 464 -22.92 -9.57 24.26
CA TYR A 464 -22.08 -10.04 23.15
C TYR A 464 -20.68 -10.42 23.59
N ASP A 465 -20.21 -9.88 24.70
CA ASP A 465 -18.83 -10.16 25.12
C ASP A 465 -18.75 -11.26 26.17
N PHE A 466 -18.27 -12.41 25.72
CA PHE A 466 -18.07 -13.61 26.54
C PHE A 466 -17.18 -13.31 27.76
N GLN A 467 -16.26 -12.36 27.61
CA GLN A 467 -15.31 -12.02 28.66
C GLN A 467 -15.83 -10.96 29.64
N SER A 468 -16.87 -10.26 29.26
CA SER A 468 -17.42 -9.24 30.05
C SER A 468 -16.34 -8.24 30.46
N ARG A 469 -15.55 -7.79 29.49
CA ARG A 469 -14.41 -6.95 29.81
C ARG A 469 -14.88 -5.51 30.01
N PRO A 470 -14.01 -4.65 30.52
CA PRO A 470 -14.42 -3.28 30.84
C PRO A 470 -15.06 -2.53 29.66
N MET A 471 -16.11 -1.77 29.95
CA MET A 471 -16.72 -0.93 28.94
C MET A 471 -16.72 0.53 29.35
N THR A 472 -16.64 1.40 28.35
CA THR A 472 -16.44 2.81 28.60
C THR A 472 -16.95 3.61 27.42
N GLY A 473 -16.67 4.91 27.43
CA GLY A 473 -16.97 5.77 26.31
C GLY A 473 -16.23 7.06 26.61
N ALA A 474 -15.96 7.88 25.61
CA ALA A 474 -15.23 9.13 25.84
C ALA A 474 -16.20 10.29 25.97
N PHE A 475 -16.01 11.08 27.03
CA PHE A 475 -16.92 12.18 27.36
C PHE A 475 -16.34 13.54 27.04
N GLU A 476 -17.15 14.37 26.43
CA GLU A 476 -16.80 15.74 26.21
C GLU A 476 -17.00 16.62 27.51
N LYS A 477 -16.42 17.81 27.56
CA LYS A 477 -16.48 18.62 28.77
C LYS A 477 -17.91 19.03 29.14
N ASN A 478 -18.79 19.19 28.17
CA ASN A 478 -20.12 19.61 28.50
C ASN A 478 -20.89 18.54 29.25
N SER A 479 -20.37 17.32 29.27
CA SER A 479 -20.84 16.29 30.17
C SER A 479 -20.27 16.56 31.56
N LYS A 480 -20.74 17.64 32.18
CA LYS A 480 -20.23 18.09 33.47
C LYS A 480 -20.46 17.05 34.55
N PRO A 481 -19.54 17.00 35.55
CA PRO A 481 -19.72 16.04 36.64
C PRO A 481 -21.07 16.23 37.32
N GLU A 482 -21.59 17.44 37.27
CA GLU A 482 -22.89 17.76 37.88
C GLU A 482 -24.08 17.33 37.02
N LEU A 483 -23.86 17.24 35.70
CA LEU A 483 -24.97 17.06 34.76
C LEU A 483 -25.01 15.68 34.06
N CYS A 484 -23.86 15.06 33.87
CA CYS A 484 -23.78 13.77 33.15
C CYS A 484 -24.55 12.65 33.84
N LYS A 485 -25.36 11.91 33.10
CA LYS A 485 -26.09 10.79 33.69
C LYS A 485 -25.56 9.43 33.26
N CYS A 486 -24.53 9.41 32.42
CA CYS A 486 -24.13 8.14 31.81
C CYS A 486 -22.80 7.56 32.31
N TYR A 487 -21.95 8.37 32.97
CA TYR A 487 -20.67 7.82 33.39
C TYR A 487 -20.81 6.64 34.37
N PRO A 488 -21.94 6.56 35.12
CA PRO A 488 -22.07 5.36 35.97
C PRO A 488 -22.18 4.05 35.19
N LEU A 489 -22.53 4.11 33.90
CA LEU A 489 -22.59 2.93 33.06
C LEU A 489 -21.20 2.37 32.77
N CYS A 490 -20.19 3.19 32.96
CA CYS A 490 -18.83 2.83 32.54
C CYS A 490 -18.08 2.14 33.66
N ASP A 491 -17.24 1.18 33.28
CA ASP A 491 -16.35 0.56 34.26
C ASP A 491 -15.15 1.44 34.57
N PHE A 492 -14.77 2.27 33.62
CA PHE A 492 -13.80 3.32 33.88
C PHE A 492 -14.16 4.48 32.97
N ILE A 493 -13.75 5.68 33.36
CA ILE A 493 -14.24 6.86 32.69
C ILE A 493 -13.17 7.44 31.77
N CYS A 494 -13.54 7.72 30.52
CA CYS A 494 -12.60 8.31 29.58
C CYS A 494 -13.02 9.75 29.33
N LEU A 495 -12.07 10.67 29.54
CA LEU A 495 -12.32 12.08 29.32
C LEU A 495 -11.51 12.62 28.13
N ASN A 496 -12.17 13.35 27.25
CA ASN A 496 -11.49 14.19 26.26
C ASN A 496 -11.45 15.60 26.78
N ARG A 497 -10.25 16.13 27.01
CA ARG A 497 -10.17 17.48 27.54
C ARG A 497 -9.12 18.31 26.81
N TYR A 498 -9.45 19.58 26.61
CA TYR A 498 -8.58 20.50 25.88
C TYR A 498 -8.38 21.80 26.66
N TYR A 499 -8.15 21.65 27.96
CA TYR A 499 -7.73 22.77 28.78
C TYR A 499 -6.36 23.23 28.30
N GLY A 500 -6.30 24.43 27.72
CA GLY A 500 -5.05 24.93 27.18
C GLY A 500 -5.07 24.92 25.66
N TRP A 501 -6.18 24.47 25.08
CA TRP A 501 -6.36 24.62 23.64
C TRP A 501 -7.70 25.30 23.32
N TYR A 502 -8.80 24.55 23.43
CA TYR A 502 -10.11 25.14 23.19
C TYR A 502 -10.57 25.98 24.36
N ILE A 503 -10.09 25.65 25.55
CA ILE A 503 -10.43 26.38 26.75
C ILE A 503 -9.18 27.07 27.30
N SER A 504 -9.18 28.40 27.28
CA SER A 504 -8.13 29.20 27.89
C SER A 504 -6.75 28.84 27.36
N GLY A 505 -6.58 28.83 26.05
CA GLY A 505 -5.28 28.52 25.51
C GLY A 505 -4.33 29.71 25.54
N GLY A 506 -3.06 29.43 25.30
CA GLY A 506 -2.10 30.47 24.98
C GLY A 506 -1.78 31.30 26.20
N PRO A 507 -1.99 32.62 26.10
CA PRO A 507 -1.69 33.50 27.23
C PRO A 507 -2.51 33.15 28.46
N GLU A 508 -3.60 32.39 28.29
CA GLU A 508 -4.45 32.01 29.43
C GLU A 508 -4.18 30.61 29.98
N ILE A 509 -3.07 30.00 29.59
CA ILE A 509 -2.85 28.60 29.97
C ILE A 509 -2.79 28.41 31.50
N GLU A 510 -2.37 29.43 32.24
CA GLU A 510 -2.37 29.33 33.70
C GLU A 510 -3.80 29.21 34.22
N GLU A 511 -4.72 29.94 33.59
CA GLU A 511 -6.13 29.82 33.90
C GLU A 511 -6.64 28.45 33.48
N ALA A 512 -6.19 27.97 32.32
CA ALA A 512 -6.58 26.63 31.87
C ALA A 512 -6.22 25.59 32.91
N GLU A 513 -5.02 25.69 33.47
CA GLU A 513 -4.59 24.72 34.48
C GLU A 513 -5.49 24.81 35.72
N GLU A 514 -5.82 26.00 36.09
CA GLU A 514 -6.71 26.23 37.24
C GLU A 514 -8.10 25.62 37.02
N LEU A 515 -8.65 25.84 35.83
CA LEU A 515 -9.95 25.31 35.46
C LEU A 515 -9.92 23.80 35.42
N PHE A 516 -8.81 23.26 34.92
CA PHE A 516 -8.63 21.83 34.82
C PHE A 516 -8.63 21.21 36.22
N ARG A 517 -7.84 21.79 37.12
CA ARG A 517 -7.76 21.31 38.51
C ARG A 517 -9.11 21.46 39.18
N ASP A 518 -9.83 22.53 38.85
CA ASP A 518 -11.19 22.73 39.38
C ASP A 518 -12.07 21.57 38.99
N GLU A 519 -12.06 21.21 37.69
CA GLU A 519 -12.94 20.12 37.29
C GLU A 519 -12.52 18.80 37.93
N MET A 520 -11.21 18.57 37.99
CA MET A 520 -10.72 17.31 38.54
C MET A 520 -10.95 17.23 40.05
N ASP A 521 -10.89 18.38 40.73
CA ASP A 521 -11.27 18.42 42.14
C ASP A 521 -12.73 18.04 42.34
N ARG A 522 -13.58 18.43 41.40
CA ARG A 522 -14.98 18.06 41.51
C ARG A 522 -15.12 16.56 41.31
N TRP A 523 -14.43 16.00 40.33
CA TRP A 523 -14.45 14.55 40.15
C TRP A 523 -13.92 13.85 41.39
N LYS A 524 -12.88 14.42 41.98
CA LYS A 524 -12.23 13.82 43.15
C LYS A 524 -13.20 13.76 44.33
N ALA A 525 -13.96 14.84 44.51
CA ALA A 525 -14.86 14.97 45.64
C ALA A 525 -16.07 14.05 45.50
N LYS A 526 -16.32 13.60 44.26
CA LYS A 526 -17.39 12.64 44.01
C LYS A 526 -16.97 11.24 44.42
N GLU A 527 -15.69 11.03 44.61
CA GLU A 527 -15.09 9.75 44.95
C GLU A 527 -15.80 8.59 44.30
N LEU A 528 -15.68 8.54 43.00
CA LEU A 528 -16.35 7.49 42.28
C LEU A 528 -15.68 6.14 42.43
N ASN A 529 -14.46 6.14 42.85
CA ASN A 529 -13.66 4.94 42.99
C ASN A 529 -13.55 4.13 41.70
N VAL A 530 -13.37 4.84 40.58
CA VAL A 530 -13.11 4.20 39.30
C VAL A 530 -11.89 4.86 38.65
N PRO A 531 -11.21 4.11 37.76
CA PRO A 531 -10.09 4.72 37.04
C PRO A 531 -10.60 5.77 36.06
N PHE A 532 -9.83 6.85 35.93
CA PHE A 532 -10.04 7.84 34.90
C PHE A 532 -8.90 7.71 33.88
N VAL A 533 -9.25 7.75 32.61
CA VAL A 533 -8.26 7.71 31.55
C VAL A 533 -8.50 8.91 30.65
N PHE A 534 -7.46 9.71 30.42
CA PHE A 534 -7.62 10.80 29.46
C PHE A 534 -7.41 10.25 28.07
N THR A 535 -8.49 10.27 27.30
CA THR A 535 -8.43 9.68 25.97
C THR A 535 -8.16 10.72 24.90
N GLU A 536 -8.25 12.01 25.25
CA GLU A 536 -7.80 13.05 24.34
C GLU A 536 -7.30 14.24 25.11
N PHE A 537 -6.21 14.80 24.60
CA PHE A 537 -5.66 16.08 25.02
C PHE A 537 -4.58 16.36 24.00
N GLY A 538 -4.49 17.60 23.53
CA GLY A 538 -3.50 17.95 22.52
C GLY A 538 -3.70 19.34 21.97
N THR A 539 -2.78 19.77 21.12
CA THR A 539 -2.82 21.10 20.50
C THR A 539 -2.49 20.97 19.02
N ASP A 540 -3.18 21.73 18.18
CA ASP A 540 -2.72 21.75 16.78
C ASP A 540 -1.33 22.32 16.76
N THR A 541 -0.46 21.70 15.98
CA THR A 541 0.95 22.00 16.01
C THR A 541 1.51 21.89 14.60
N MET A 542 1.90 23.02 14.02
CA MET A 542 2.46 22.98 12.67
C MET A 542 3.94 22.65 12.78
N ALA A 543 4.35 21.53 12.18
CA ALA A 543 5.77 21.21 12.12
C ALA A 543 6.55 22.41 11.59
N GLY A 544 7.59 22.80 12.32
CA GLY A 544 8.44 23.89 11.90
C GLY A 544 8.05 25.26 12.41
N LEU A 545 6.87 25.36 13.04
CA LEU A 545 6.47 26.64 13.61
C LEU A 545 7.09 26.73 14.99
N HIS A 546 8.10 27.59 15.12
CA HIS A 546 8.83 27.75 16.38
C HIS A 546 8.60 29.15 16.92
N LYS A 547 8.48 29.23 18.22
CA LYS A 547 8.34 30.53 18.82
C LYS A 547 8.79 30.57 20.28
N LEU A 548 9.45 31.66 20.63
CA LEU A 548 9.91 31.88 21.98
C LEU A 548 9.56 33.31 22.38
N PRO A 549 8.62 33.50 23.32
CA PRO A 549 7.86 32.44 24.00
C PRO A 549 6.89 31.74 23.07
N SER A 550 6.44 30.56 23.48
CA SER A 550 5.61 29.73 22.63
C SER A 550 4.29 30.41 22.30
N ILE A 551 3.70 30.02 21.18
CA ILE A 551 2.35 30.41 20.84
C ILE A 551 1.54 29.18 20.48
N MET A 552 0.22 29.26 20.62
CA MET A 552 -0.64 28.22 20.09
C MET A 552 -0.27 27.96 18.63
N TRP A 553 -0.20 26.68 18.27
CA TRP A 553 0.22 26.15 16.95
C TRP A 553 1.74 25.89 16.82
N SER A 554 2.55 26.41 17.74
CA SER A 554 3.99 26.14 17.68
C SER A 554 4.38 24.83 18.33
N GLU A 555 5.54 24.30 17.94
CA GLU A 555 6.03 23.06 18.52
C GLU A 555 6.32 23.22 20.00
N GLU A 556 6.75 24.40 20.41
CA GLU A 556 7.10 24.62 21.81
C GLU A 556 5.85 24.62 22.67
N TYR A 557 4.78 25.20 22.15
CA TYR A 557 3.52 25.23 22.89
C TYR A 557 2.95 23.82 23.07
N GLN A 558 3.10 22.96 22.07
CA GLN A 558 2.66 21.59 22.22
C GLN A 558 3.38 20.95 23.42
N LYS A 559 4.69 21.22 23.54
CA LYS A 559 5.46 20.67 24.68
C LYS A 559 4.93 21.22 26.00
N GLU A 560 4.73 22.53 26.06
CA GLU A 560 4.36 23.15 27.32
C GLU A 560 2.96 22.74 27.74
N TYR A 561 2.06 22.67 26.76
CA TYR A 561 0.70 22.17 26.99
C TYR A 561 0.72 20.77 27.61
N LEU A 562 1.52 19.89 27.02
CA LEU A 562 1.61 18.53 27.52
C LEU A 562 2.15 18.49 28.95
N GLU A 563 3.20 19.28 29.21
CA GLU A 563 3.76 19.33 30.55
C GLU A 563 2.72 19.78 31.57
N MET A 564 1.92 20.77 31.20
CA MET A 564 0.89 21.27 32.10
C MET A 564 -0.15 20.17 32.35
N ASN A 565 -0.57 19.53 31.26
CA ASN A 565 -1.53 18.44 31.43
C ASN A 565 -0.97 17.34 32.35
N PHE A 566 0.29 16.96 32.15
CA PHE A 566 0.90 15.95 33.00
C PHE A 566 0.86 16.35 34.47
N ARG A 567 1.21 17.60 34.78
CA ARG A 567 1.18 18.04 36.18
C ARG A 567 -0.21 17.78 36.78
N VAL A 568 -1.25 18.07 36.01
CA VAL A 568 -2.61 17.86 36.46
C VAL A 568 -2.90 16.36 36.62
N PHE A 569 -2.66 15.55 35.59
CA PHE A 569 -2.88 14.09 35.70
C PHE A 569 -2.27 13.54 36.98
N ASP A 570 -1.01 13.91 37.21
CA ASP A 570 -0.21 13.35 38.30
C ASP A 570 -0.68 13.84 39.67
N SER A 571 -1.62 14.78 39.68
CA SER A 571 -2.14 15.32 40.93
C SER A 571 -3.28 14.47 41.48
N TYR A 572 -3.78 13.53 40.69
CA TYR A 572 -4.96 12.77 41.10
C TYR A 572 -4.69 11.27 41.05
N GLU A 573 -4.91 10.60 42.17
CA GLU A 573 -4.60 9.18 42.30
C GLU A 573 -5.38 8.34 41.30
N PHE A 574 -6.61 8.75 41.01
CA PHE A 574 -7.52 7.91 40.24
C PHE A 574 -7.29 8.02 38.73
N VAL A 575 -6.39 8.89 38.32
CA VAL A 575 -6.02 8.93 36.91
C VAL A 575 -5.11 7.72 36.64
N GLN A 576 -5.50 6.91 35.66
CA GLN A 576 -4.85 5.63 35.43
C GLN A 576 -4.42 5.45 33.97
N GLY A 577 -4.54 6.51 33.18
CA GLY A 577 -4.14 6.41 31.79
C GLY A 577 -4.13 7.73 31.06
N GLU A 578 -3.27 7.82 30.06
CA GLU A 578 -3.20 9.03 29.25
C GLU A 578 -2.96 8.63 27.79
N LEU A 579 -3.95 8.92 26.95
CA LEU A 579 -3.87 8.67 25.52
C LEU A 579 -3.99 10.00 24.83
N ALA A 580 -2.89 10.46 24.25
CA ALA A 580 -2.81 11.77 23.65
C ALA A 580 -3.56 11.81 22.33
N TRP A 581 -4.16 12.95 22.03
CA TRP A 581 -4.73 13.20 20.72
C TRP A 581 -3.75 14.05 19.91
N ASN A 582 -3.24 13.60 18.77
CA ASN A 582 -3.47 12.31 18.14
C ASN A 582 -2.08 11.71 17.91
N PHE A 583 -2.01 10.42 17.63
CA PHE A 583 -0.72 9.85 17.22
C PHE A 583 -0.10 10.64 16.05
N ALA A 584 -0.92 10.94 15.04
CA ALA A 584 -0.38 11.61 13.85
C ALA A 584 -1.40 12.57 13.25
N ASP A 585 -0.90 13.63 12.62
CA ASP A 585 -1.74 14.55 11.87
C ASP A 585 -2.62 13.77 10.90
N PHE A 586 -3.89 14.16 10.78
CA PHE A 586 -4.79 13.41 9.93
C PHE A 586 -5.79 14.30 9.19
N GLN A 587 -6.44 13.76 8.16
CA GLN A 587 -7.28 14.58 7.30
C GLN A 587 -8.63 14.86 7.92
N THR A 588 -9.11 16.08 7.75
CA THR A 588 -10.46 16.45 8.16
C THR A 588 -11.12 17.15 7.00
N THR A 589 -12.41 17.44 7.15
CA THR A 589 -13.10 18.36 6.28
C THR A 589 -12.34 19.69 6.29
N GLU A 590 -12.20 20.36 5.15
CA GLU A 590 -11.49 21.63 5.18
C GLU A 590 -12.39 22.70 5.80
N GLY A 591 -11.77 23.76 6.30
CA GLY A 591 -12.51 24.80 6.97
C GLY A 591 -11.56 25.81 7.59
N ILE A 592 -12.12 26.85 8.21
CA ILE A 592 -11.26 27.88 8.78
C ILE A 592 -10.57 27.43 10.05
N MET A 593 -10.93 26.28 10.54
CA MET A 593 -10.32 25.78 11.73
C MET A 593 -9.38 24.59 11.53
N ARG A 594 -9.22 24.17 10.30
CA ARG A 594 -8.39 23.01 9.99
C ARG A 594 -7.41 23.35 8.87
N VAL A 595 -6.13 23.41 9.22
CA VAL A 595 -5.10 23.79 8.26
C VAL A 595 -4.55 22.53 7.62
N ASP A 596 -5.15 22.11 6.51
CA ASP A 596 -4.89 20.82 5.92
C ASP A 596 -5.07 19.74 6.96
N GLY A 597 -6.30 19.57 7.41
CA GLY A 597 -6.63 18.53 8.38
C GLY A 597 -6.30 18.95 9.80
N ASN A 598 -6.19 17.94 10.65
CA ASN A 598 -6.02 18.11 12.08
C ASN A 598 -4.53 17.98 12.40
N HIS A 599 -3.95 18.97 13.07
CA HIS A 599 -2.51 18.96 13.32
C HIS A 599 -2.15 18.72 14.77
N LYS A 600 -3.04 18.03 15.48
CA LYS A 600 -2.76 17.67 16.87
C LYS A 600 -1.88 16.44 16.96
N GLY A 601 -1.41 15.97 15.82
CA GLY A 601 -0.49 14.85 15.81
C GLY A 601 0.78 15.11 16.60
N VAL A 602 1.24 14.09 17.30
CA VAL A 602 2.56 14.10 17.90
C VAL A 602 3.60 13.76 16.82
N PHE A 603 3.15 13.00 15.84
CA PHE A 603 3.89 12.74 14.61
C PHE A 603 3.22 13.44 13.44
N THR A 604 3.99 13.71 12.39
CA THR A 604 3.42 14.28 11.18
C THR A 604 2.61 13.18 10.47
N ARG A 605 1.86 13.55 9.44
CA ARG A 605 1.09 12.56 8.70
C ARG A 605 1.99 11.51 8.05
N ASP A 606 3.19 11.90 7.63
CA ASP A 606 4.11 10.92 7.08
C ASP A 606 4.98 10.29 8.17
N ARG A 607 4.52 10.43 9.43
CA ARG A 607 5.01 9.61 10.54
C ARG A 607 6.41 9.97 11.03
N GLN A 608 6.67 11.26 11.17
CA GLN A 608 7.92 11.75 11.74
C GLN A 608 7.61 12.57 13.00
N PRO A 609 8.49 12.50 14.02
CA PRO A 609 8.16 13.12 15.31
C PRO A 609 8.31 14.64 15.33
N LYS A 610 7.32 15.31 15.88
CA LYS A 610 7.46 16.72 16.23
C LYS A 610 8.25 16.80 17.54
N ALA A 611 8.59 18.00 17.99
CA ALA A 611 9.40 18.11 19.20
C ALA A 611 8.76 17.42 20.41
N ALA A 612 7.43 17.50 20.51
CA ALA A 612 6.73 16.93 21.66
C ALA A 612 6.80 15.42 21.74
N ALA A 613 7.17 14.76 20.64
CA ALA A 613 7.26 13.30 20.64
C ALA A 613 8.25 12.83 21.72
N VAL A 614 9.34 13.53 21.88
CA VAL A 614 10.35 13.10 22.84
C VAL A 614 9.87 13.37 24.29
N VAL A 615 8.96 14.30 24.49
CA VAL A 615 8.40 14.53 25.80
C VAL A 615 7.67 13.25 26.26
N PHE A 616 6.87 12.68 25.37
CA PHE A 616 6.21 11.42 25.68
C PHE A 616 7.23 10.32 25.91
N LYS A 617 8.21 10.20 25.01
CA LYS A 617 9.23 9.16 25.12
C LYS A 617 9.88 9.19 26.50
N ASP A 618 10.28 10.38 26.94
CA ASP A 618 10.99 10.50 28.21
C ASP A 618 10.07 10.18 29.39
N ARG A 619 8.84 10.68 29.33
CA ARG A 619 7.91 10.45 30.44
C ARG A 619 7.49 8.99 30.55
N TRP A 620 7.28 8.34 29.41
CA TRP A 620 6.75 6.98 29.42
C TRP A 620 7.83 5.92 29.62
N GLU A 621 9.06 6.34 29.60
CA GLU A 621 10.15 5.38 29.72
C GLU A 621 10.14 4.76 31.10
N LEU B 26 15.43 -16.38 -19.73
CA LEU B 26 15.50 -17.41 -20.74
C LEU B 26 15.25 -18.83 -20.26
N GLU B 27 15.65 -19.19 -19.08
CA GLU B 27 15.33 -20.47 -18.46
C GLU B 27 14.08 -20.37 -17.57
N TYR B 28 13.22 -19.42 -17.91
CA TYR B 28 11.97 -19.20 -17.20
C TYR B 28 11.14 -18.21 -18.03
N SER B 29 9.89 -18.04 -17.65
CA SER B 29 9.01 -17.11 -18.35
C SER B 29 8.96 -15.76 -17.63
N GLU B 30 8.94 -14.67 -18.39
CA GLU B 30 8.74 -13.34 -17.82
C GLU B 30 7.25 -12.95 -17.83
N LEU B 31 6.39 -13.81 -18.38
CA LEU B 31 4.98 -13.46 -18.54
C LEU B 31 4.29 -13.17 -17.22
N TYR B 32 3.51 -12.09 -17.20
CA TYR B 32 2.79 -11.71 -15.99
C TYR B 32 1.80 -12.80 -15.63
N PRO B 33 1.72 -13.16 -14.35
CA PRO B 33 0.88 -14.31 -13.99
C PRO B 33 -0.60 -14.02 -14.10
N ILE B 34 -1.35 -15.02 -14.56
CA ILE B 34 -2.79 -14.91 -14.68
C ILE B 34 -3.44 -16.17 -14.14
N GLN B 35 -4.75 -16.11 -13.96
CA GLN B 35 -5.44 -17.28 -13.44
C GLN B 35 -6.56 -17.66 -14.37
N ASN B 36 -6.58 -18.92 -14.75
CA ASN B 36 -7.66 -19.46 -15.57
C ASN B 36 -7.72 -20.97 -15.39
N GLU B 37 -8.39 -21.64 -16.32
CA GLU B 37 -8.58 -23.08 -16.22
C GLU B 37 -7.25 -23.83 -16.13
N TYR B 38 -6.20 -23.24 -16.68
CA TYR B 38 -4.92 -23.94 -16.84
C TYR B 38 -3.82 -23.41 -15.92
N ARG B 39 -3.94 -22.14 -15.55
CA ARG B 39 -2.93 -21.46 -14.74
C ARG B 39 -3.53 -20.98 -13.42
N MET B 40 -2.85 -21.25 -12.31
CA MET B 40 -3.32 -20.78 -11.01
C MET B 40 -2.29 -19.87 -10.37
N MET B 41 -2.76 -18.98 -9.50
CA MET B 41 -1.86 -18.09 -8.80
C MET B 41 -2.40 -17.79 -7.42
N GLN B 42 -1.48 -17.61 -6.49
CA GLN B 42 -1.82 -17.26 -5.13
C GLN B 42 -0.87 -16.16 -4.68
N SER B 43 -1.42 -15.08 -4.14
CA SER B 43 -0.58 -13.98 -3.66
C SER B 43 0.14 -14.34 -2.37
N LEU B 44 1.41 -13.97 -2.30
CA LEU B 44 2.15 -14.15 -1.05
C LEU B 44 2.42 -12.79 -0.41
N ASP B 45 1.73 -11.76 -0.87
CA ASP B 45 1.87 -10.43 -0.26
C ASP B 45 1.31 -10.46 1.14
N GLY B 46 1.85 -9.64 2.04
CA GLY B 46 1.34 -9.57 3.40
C GLY B 46 2.48 -9.29 4.34
N MET B 47 2.37 -9.80 5.57
CA MET B 47 3.44 -9.65 6.55
C MET B 47 4.33 -10.88 6.51
N TRP B 48 5.59 -10.68 6.14
CA TRP B 48 6.55 -11.79 6.19
C TRP B 48 7.36 -11.75 7.47
N LYS B 49 8.12 -12.82 7.72
CA LYS B 49 9.12 -12.77 8.77
C LYS B 49 10.41 -12.22 8.18
N PHE B 50 11.23 -11.60 9.02
CA PHE B 50 12.36 -10.81 8.54
C PHE B 50 13.47 -10.79 9.59
N GLN B 51 14.72 -10.93 9.16
CA GLN B 51 15.84 -10.81 10.09
C GLN B 51 17.10 -10.30 9.43
N PHE B 52 17.72 -9.29 10.05
CA PHE B 52 19.00 -8.78 9.60
C PHE B 52 20.10 -9.80 9.90
N ASP B 53 21.14 -9.83 9.07
CA ASP B 53 22.19 -10.84 9.19
C ASP B 53 23.57 -10.19 9.11
N PRO B 54 23.90 -9.31 10.07
CA PRO B 54 25.13 -8.53 10.00
C PRO B 54 26.40 -9.37 9.97
N GLU B 55 26.36 -10.55 10.59
CA GLU B 55 27.55 -11.40 10.69
C GLU B 55 27.64 -12.33 9.50
N GLU B 56 26.65 -12.24 8.60
CA GLU B 56 26.57 -13.11 7.43
C GLU B 56 26.64 -14.59 7.81
N ILE B 57 25.82 -14.98 8.78
CA ILE B 57 25.86 -16.36 9.25
C ILE B 57 24.59 -17.16 8.94
N GLY B 58 23.64 -16.54 8.24
CA GLY B 58 22.37 -17.19 7.97
C GLY B 58 22.47 -18.45 7.13
N LYS B 59 23.27 -18.39 6.10
CA LYS B 59 23.41 -19.51 5.24
C LYS B 59 24.20 -20.60 5.91
N LYS B 60 24.91 -20.24 6.96
CA LYS B 60 25.70 -21.18 7.75
C LYS B 60 24.97 -21.71 8.98
N SER B 61 23.77 -21.20 9.24
CA SER B 61 23.08 -21.53 10.48
C SER B 61 21.70 -22.07 10.23
N GLY B 62 21.45 -22.51 9.01
CA GLY B 62 20.19 -23.14 8.65
C GLY B 62 19.01 -22.18 8.58
N TRP B 63 19.28 -20.91 8.31
CA TRP B 63 18.17 -19.95 8.18
C TRP B 63 17.30 -20.26 6.98
N GLU B 64 17.80 -21.05 6.02
CA GLU B 64 16.95 -21.40 4.89
C GLU B 64 15.80 -22.31 5.34
N ASN B 65 15.89 -22.83 6.56
CA ASN B 65 14.82 -23.66 7.12
C ASN B 65 13.96 -22.87 8.10
N GLY B 66 14.26 -21.57 8.23
CA GLY B 66 13.50 -20.72 9.11
C GLY B 66 14.37 -19.74 9.86
N LEU B 67 13.90 -18.51 10.00
CA LEU B 67 14.67 -17.48 10.68
C LEU B 67 14.55 -17.68 12.20
N PRO B 68 15.67 -17.55 12.91
CA PRO B 68 15.68 -17.84 14.36
C PRO B 68 15.01 -16.79 15.24
N ALA B 69 15.12 -15.52 14.90
CA ALA B 69 14.55 -14.45 15.72
C ALA B 69 14.02 -13.32 14.85
N PRO B 70 13.00 -13.62 14.04
CA PRO B 70 12.48 -12.67 13.07
C PRO B 70 11.58 -11.60 13.68
N VAL B 71 11.46 -10.49 12.97
CA VAL B 71 10.38 -9.52 13.18
C VAL B 71 9.48 -9.56 11.95
N SER B 72 8.37 -8.83 11.99
CA SER B 72 7.47 -8.77 10.85
C SER B 72 7.93 -7.72 9.85
N MET B 73 7.74 -8.00 8.57
CA MET B 73 8.08 -7.05 7.50
C MET B 73 7.02 -7.09 6.39
N PRO B 74 6.45 -5.93 6.04
CA PRO B 74 5.48 -5.88 4.95
C PRO B 74 6.11 -6.22 3.60
N VAL B 75 5.36 -6.97 2.79
CA VAL B 75 5.71 -7.23 1.41
C VAL B 75 4.46 -6.97 0.58
N PRO B 76 4.55 -6.13 -0.45
CA PRO B 76 5.75 -5.43 -0.91
C PRO B 76 6.08 -4.18 -0.12
N SER B 77 7.38 -3.95 0.10
CA SER B 77 7.87 -2.69 0.66
C SER B 77 9.38 -2.67 0.59
N SER B 78 9.97 -1.48 0.69
CA SER B 78 11.36 -1.36 1.08
C SER B 78 11.42 -1.47 2.62
N PHE B 79 12.42 -2.15 3.19
CA PHE B 79 12.42 -2.27 4.66
C PHE B 79 12.87 -1.02 5.39
N ALA B 80 13.62 -0.14 4.73
CA ALA B 80 14.42 0.87 5.44
C ALA B 80 13.59 1.83 6.31
N ASP B 81 12.48 2.36 5.80
CA ASP B 81 11.88 3.50 6.49
C ASP B 81 10.88 3.15 7.58
N PHE B 82 10.68 1.86 7.84
CA PHE B 82 9.82 1.48 8.96
C PHE B 82 10.49 1.72 10.29
N PHE B 83 11.81 1.51 10.32
CA PHE B 83 12.52 1.46 11.60
C PHE B 83 12.81 2.83 12.20
N THR B 84 13.11 2.85 13.49
CA THR B 84 13.39 4.11 14.17
C THR B 84 14.85 4.27 14.56
N ASP B 85 15.68 3.28 14.21
CA ASP B 85 17.11 3.32 14.51
C ASP B 85 17.95 3.42 13.25
N HIS B 86 18.98 4.27 13.26
CA HIS B 86 19.82 4.50 12.08
C HIS B 86 20.39 3.21 11.50
N LYS B 87 20.87 2.34 12.35
CA LYS B 87 21.58 1.16 11.86
C LYS B 87 20.63 0.18 11.14
N GLU B 88 19.35 0.28 11.45
CA GLU B 88 18.33 -0.54 10.79
C GLU B 88 18.02 0.07 9.42
N ARG B 89 17.74 1.37 9.42
CA ARG B 89 17.46 2.08 8.18
C ARG B 89 18.61 1.96 7.16
N ASP B 90 19.82 2.11 7.65
CA ASP B 90 21.00 2.15 6.79
C ASP B 90 21.64 0.78 6.61
N TYR B 91 20.94 -0.27 7.05
CA TYR B 91 21.51 -1.60 7.02
C TYR B 91 21.99 -1.98 5.63
N CYS B 92 23.19 -2.53 5.54
CA CYS B 92 23.77 -2.93 4.26
C CYS B 92 24.46 -4.27 4.48
N GLY B 93 24.12 -5.26 3.65
CA GLY B 93 24.68 -6.59 3.80
C GLY B 93 23.59 -7.62 3.52
N ASP B 94 23.70 -8.77 4.19
CA ASP B 94 22.73 -9.85 4.04
C ASP B 94 21.54 -9.65 4.97
N PHE B 95 20.34 -9.93 4.46
CA PHE B 95 19.18 -9.93 5.32
C PHE B 95 18.15 -10.89 4.74
N TRP B 96 17.22 -11.33 5.56
CA TRP B 96 16.42 -12.50 5.20
C TRP B 96 14.93 -12.26 5.32
N TYR B 97 14.18 -12.86 4.40
CA TYR B 97 12.73 -12.90 4.45
C TYR B 97 12.25 -14.34 4.55
N GLU B 98 11.13 -14.56 5.24
CA GLU B 98 10.53 -15.89 5.30
C GLU B 98 9.03 -15.77 5.34
N THR B 99 8.32 -16.66 4.64
CA THR B 99 6.90 -16.82 4.94
C THR B 99 6.49 -18.26 4.71
N GLU B 100 5.27 -18.57 5.15
CA GLU B 100 4.70 -19.88 4.94
C GLU B 100 3.43 -19.70 4.16
N PHE B 101 3.08 -20.69 3.36
CA PHE B 101 1.85 -20.62 2.61
C PHE B 101 1.31 -22.03 2.43
N TYR B 102 -0.01 -22.13 2.33
CA TYR B 102 -0.65 -23.41 2.06
C TYR B 102 -0.85 -23.60 0.56
N LEU B 103 -0.35 -24.70 0.02
CA LEU B 103 -0.50 -25.02 -1.40
C LEU B 103 -1.66 -25.98 -1.61
N PRO B 104 -2.68 -25.57 -2.40
CA PRO B 104 -3.83 -26.45 -2.66
C PRO B 104 -3.38 -27.78 -3.23
N ALA B 105 -4.02 -28.86 -2.81
CA ALA B 105 -3.67 -30.19 -3.27
C ALA B 105 -3.78 -30.28 -4.79
N GLU B 106 -4.71 -29.49 -5.34
CA GLU B 106 -4.99 -29.49 -6.77
C GLU B 106 -3.82 -29.02 -7.63
N TRP B 107 -2.79 -28.47 -7.04
CA TRP B 107 -1.62 -28.03 -7.79
C TRP B 107 -0.61 -29.16 -8.06
N ARG B 108 -0.92 -30.35 -7.56
CA ARG B 108 -0.03 -31.50 -7.64
C ARG B 108 0.39 -31.80 -9.06
N ASN B 109 1.69 -31.96 -9.19
CA ASN B 109 2.35 -32.25 -10.45
C ASN B 109 2.14 -31.19 -11.60
N LYS B 110 1.80 -29.94 -11.27
CA LYS B 110 1.86 -28.83 -12.23
C LYS B 110 3.25 -28.31 -12.19
N LYS B 111 3.63 -27.41 -13.08
CA LYS B 111 4.88 -26.70 -12.91
C LYS B 111 4.62 -25.57 -11.94
N ILE B 112 5.25 -25.63 -10.77
CA ILE B 112 4.97 -24.68 -9.70
C ILE B 112 6.16 -23.74 -9.52
N TRP B 113 5.88 -22.45 -9.58
CA TRP B 113 6.93 -21.43 -9.52
C TRP B 113 6.63 -20.44 -8.41
N LEU B 114 7.68 -20.00 -7.72
CA LEU B 114 7.63 -18.76 -6.97
C LEU B 114 7.97 -17.65 -7.95
N ARG B 115 7.22 -16.56 -7.91
CA ARG B 115 7.51 -15.44 -8.78
C ARG B 115 7.59 -14.17 -7.96
N PHE B 116 8.78 -13.59 -7.87
CA PHE B 116 8.99 -12.32 -7.19
C PHE B 116 9.00 -11.18 -8.21
N GLY B 117 8.22 -10.12 -7.98
CA GLY B 117 8.29 -8.98 -8.88
C GLY B 117 9.72 -8.49 -8.98
N SER B 118 10.44 -8.59 -7.86
CA SER B 118 11.86 -8.29 -7.83
C SER B 118 12.42 -8.74 -6.47
N ILE B 119 13.75 -8.79 -6.39
CA ILE B 119 14.46 -9.06 -5.15
C ILE B 119 15.66 -8.13 -5.16
N THR B 120 15.70 -7.16 -4.26
CA THR B 120 16.65 -6.04 -4.38
C THR B 120 17.75 -6.12 -3.33
N HIS B 121 19.01 -6.27 -3.73
CA HIS B 121 19.50 -6.24 -5.13
C HIS B 121 19.76 -7.61 -5.73
N ARG B 122 20.07 -8.56 -4.85
CA ARG B 122 20.49 -9.88 -5.29
C ARG B 122 20.10 -10.87 -4.22
N GLY B 123 19.87 -12.12 -4.60
CA GLY B 123 19.45 -13.05 -3.58
C GLY B 123 19.37 -14.47 -4.01
N THR B 124 19.11 -15.32 -3.02
CA THR B 124 18.92 -16.74 -3.24
C THR B 124 17.58 -17.14 -2.67
N VAL B 125 16.80 -17.86 -3.48
CA VAL B 125 15.48 -18.31 -3.08
C VAL B 125 15.56 -19.75 -2.61
N TYR B 126 15.05 -20.01 -1.40
CA TYR B 126 14.93 -21.35 -0.85
C TYR B 126 13.45 -21.69 -0.71
N CYS B 127 13.12 -22.97 -0.88
CA CYS B 127 11.75 -23.41 -0.64
C CYS B 127 11.80 -24.75 0.05
N ASN B 128 11.13 -24.85 1.18
CA ASN B 128 11.13 -26.09 1.95
C ASN B 128 12.55 -26.60 2.23
N GLY B 129 13.46 -25.66 2.44
CA GLY B 129 14.81 -25.99 2.87
C GLY B 129 15.78 -26.22 1.73
N MET B 130 15.33 -26.01 0.51
CA MET B 130 16.12 -26.27 -0.67
C MET B 130 16.45 -25.03 -1.47
N GLU B 131 17.70 -24.94 -1.86
CA GLU B 131 18.10 -23.84 -2.73
C GLU B 131 17.50 -24.02 -4.11
N ILE B 132 16.80 -23.00 -4.60
CA ILE B 132 16.10 -23.11 -5.87
C ILE B 132 16.77 -22.32 -6.97
N THR B 133 17.07 -21.05 -6.69
CA THR B 133 17.73 -20.22 -7.68
C THR B 133 18.34 -19.01 -7.01
N SER B 134 19.19 -18.31 -7.75
CA SER B 134 19.78 -17.05 -7.31
C SER B 134 19.61 -16.06 -8.43
N HIS B 135 19.60 -14.78 -8.10
CA HIS B 135 19.44 -13.77 -9.13
C HIS B 135 20.22 -12.52 -8.73
N GLU B 136 20.79 -11.88 -9.74
CA GLU B 136 21.55 -10.64 -9.59
C GLU B 136 20.84 -9.56 -10.39
N GLY B 137 20.44 -8.46 -9.74
CA GLY B 137 19.68 -7.41 -10.42
C GLY B 137 18.36 -7.21 -9.69
N GLY B 138 18.18 -6.02 -9.13
CA GLY B 138 17.14 -5.83 -8.13
C GLY B 138 15.83 -5.22 -8.60
N PHE B 139 15.61 -5.19 -9.91
CA PHE B 139 14.45 -4.47 -10.44
C PHE B 139 13.70 -5.23 -11.52
N LEU B 140 13.90 -6.54 -11.58
CA LEU B 140 13.20 -7.39 -12.56
C LEU B 140 12.81 -8.73 -11.92
N PRO B 141 11.82 -9.42 -12.51
CA PRO B 141 11.24 -10.59 -11.84
C PRO B 141 12.25 -11.69 -11.58
N VAL B 142 12.04 -12.40 -10.48
CA VAL B 142 12.84 -13.57 -10.18
C VAL B 142 11.90 -14.77 -10.17
N LEU B 143 12.20 -15.76 -11.01
CA LEU B 143 11.36 -16.94 -11.14
C LEU B 143 12.10 -18.13 -10.55
N ALA B 144 11.47 -18.81 -9.60
CA ALA B 144 12.07 -19.97 -8.95
C ALA B 144 11.17 -21.18 -9.13
N ASP B 145 11.68 -22.18 -9.84
CA ASP B 145 10.94 -23.41 -10.12
C ASP B 145 10.97 -24.36 -8.93
N ILE B 146 9.86 -24.44 -8.20
CA ILE B 146 9.80 -25.28 -7.01
C ILE B 146 9.00 -26.57 -7.27
N SER B 147 8.85 -26.94 -8.53
CA SER B 147 8.03 -28.10 -8.90
C SER B 147 8.43 -29.39 -8.16
N THR B 148 9.73 -29.58 -7.95
CA THR B 148 10.19 -30.83 -7.37
C THR B 148 10.25 -30.80 -5.85
N VAL B 149 10.11 -29.61 -5.26
CA VAL B 149 10.20 -29.49 -3.81
C VAL B 149 8.88 -29.05 -3.17
N ALA B 150 7.96 -28.54 -3.98
CA ALA B 150 6.66 -28.12 -3.50
C ALA B 150 5.90 -29.26 -2.84
N LYS B 151 5.09 -28.93 -1.84
CA LYS B 151 4.28 -29.92 -1.12
C LYS B 151 2.81 -29.57 -1.23
N PRO B 152 2.15 -30.08 -2.28
CA PRO B 152 0.72 -29.83 -2.51
C PRO B 152 -0.11 -30.33 -1.34
N GLY B 153 -1.09 -29.55 -0.92
CA GLY B 153 -1.97 -29.96 0.17
C GLY B 153 -1.30 -29.88 1.51
N GLN B 154 -0.24 -29.07 1.59
CA GLN B 154 0.51 -28.89 2.82
C GLN B 154 0.96 -27.45 2.98
N VAL B 155 1.36 -27.09 4.19
CA VAL B 155 2.05 -25.83 4.39
C VAL B 155 3.45 -25.89 3.81
N ASN B 156 3.81 -24.88 3.03
CA ASN B 156 5.12 -24.77 2.43
C ASN B 156 5.83 -23.56 3.01
N GLN B 157 7.15 -23.53 2.90
CA GLN B 157 7.93 -22.42 3.43
C GLN B 157 8.82 -21.83 2.34
N VAL B 158 8.86 -20.50 2.24
CA VAL B 158 9.82 -19.86 1.35
C VAL B 158 10.71 -18.96 2.19
N VAL B 159 12.02 -19.06 1.95
CA VAL B 159 12.99 -18.20 2.61
C VAL B 159 13.88 -17.58 1.55
N VAL B 160 14.12 -16.28 1.67
CA VAL B 160 14.93 -15.58 0.70
C VAL B 160 16.08 -14.91 1.42
N LYS B 161 17.30 -15.23 0.99
CA LYS B 161 18.46 -14.50 1.43
C LYS B 161 18.68 -13.37 0.44
N ILE B 162 18.69 -12.14 0.94
CA ILE B 162 18.89 -10.98 0.08
C ILE B 162 20.13 -10.22 0.51
N ASN B 163 20.76 -9.57 -0.46
CA ASN B 163 21.88 -8.70 -0.18
C ASN B 163 21.71 -7.39 -0.95
N ASN B 164 22.07 -6.26 -0.32
CA ASN B 164 21.85 -4.95 -0.92
C ASN B 164 23.12 -4.14 -1.03
N GLU B 165 24.26 -4.82 -1.00
CA GLU B 165 25.53 -4.13 -1.20
C GLU B 165 25.65 -3.63 -2.64
N LEU B 166 26.49 -2.63 -2.84
CA LEU B 166 26.75 -2.06 -4.15
C LEU B 166 28.20 -2.33 -4.54
N ASN B 167 28.42 -2.59 -5.81
CA ASN B 167 29.76 -2.86 -6.30
C ASN B 167 29.87 -2.40 -7.73
N GLU B 168 30.97 -2.73 -8.41
CA GLU B 168 31.16 -2.25 -9.76
C GLU B 168 31.05 -3.35 -10.81
N THR B 169 30.44 -4.48 -10.44
CA THR B 169 30.20 -5.57 -11.38
C THR B 169 28.73 -5.90 -11.54
N SER B 170 27.87 -5.05 -10.96
CA SER B 170 26.43 -5.25 -11.08
C SER B 170 25.74 -3.88 -11.04
N LEU B 171 24.50 -3.82 -11.50
CA LEU B 171 23.76 -2.58 -11.64
C LEU B 171 22.67 -2.43 -10.56
N PRO B 172 22.51 -1.20 -10.03
CA PRO B 172 23.28 0.01 -10.30
C PRO B 172 24.60 0.01 -9.53
N CYS B 173 25.61 0.72 -10.02
CA CYS B 173 26.94 0.62 -9.41
C CYS B 173 27.16 1.49 -8.18
N GLY B 174 28.04 1.00 -7.31
CA GLY B 174 28.45 1.76 -6.15
C GLY B 174 29.54 1.01 -5.44
N ALA B 175 29.74 1.35 -4.17
CA ALA B 175 30.76 0.72 -3.35
C ALA B 175 30.15 0.40 -2.00
N THR B 176 30.84 -0.42 -1.24
CA THR B 176 30.41 -0.71 0.11
C THR B 176 31.52 -0.30 1.06
N LYS B 177 31.19 0.54 2.01
CA LYS B 177 32.16 1.05 2.96
C LYS B 177 32.03 0.27 4.26
N ILE B 178 33.15 -0.06 4.87
CA ILE B 178 33.18 -0.75 6.15
C ILE B 178 33.63 0.15 7.28
N LEU B 179 32.78 0.39 8.26
CA LEU B 179 33.19 1.18 9.41
C LEU B 179 34.11 0.35 10.30
N ASN B 180 34.93 1.02 11.10
CA ASN B 180 35.86 0.34 12.00
C ASN B 180 35.13 -0.59 12.97
N ASN B 181 33.80 -0.55 12.93
CA ASN B 181 33.00 -1.39 13.82
C ASN B 181 32.48 -2.65 13.12
N GLY B 182 32.91 -2.83 11.87
CA GLY B 182 32.51 -3.98 11.09
C GLY B 182 31.15 -3.79 10.43
N ARG B 183 30.62 -2.58 10.54
CA ARG B 183 29.32 -2.26 9.95
C ARG B 183 29.46 -1.76 8.51
N LYS B 184 28.60 -2.26 7.63
CA LYS B 184 28.68 -1.91 6.22
C LYS B 184 27.75 -0.72 5.91
N LEU B 185 28.20 0.15 5.01
CA LEU B 185 27.37 1.25 4.53
C LEU B 185 27.39 1.26 3.02
N ALA B 186 26.23 1.35 2.39
CA ALA B 186 26.17 1.48 0.95
C ALA B 186 26.67 2.86 0.52
N LYS B 187 27.50 2.89 -0.52
CA LYS B 187 27.99 4.15 -1.09
C LYS B 187 27.64 4.23 -2.56
N PRO B 188 26.43 4.72 -2.87
CA PRO B 188 25.99 4.75 -4.26
C PRO B 188 26.83 5.65 -5.16
N TYR B 189 26.98 5.27 -6.42
CA TYR B 189 27.47 6.20 -7.45
C TYR B 189 26.28 6.85 -8.15
N PHE B 190 25.10 6.76 -7.55
CA PHE B 190 23.89 7.25 -8.18
C PHE B 190 23.13 8.08 -7.15
N ASP B 191 22.29 9.00 -7.64
CA ASP B 191 21.61 9.95 -6.78
C ASP B 191 20.21 9.44 -6.37
N PHE B 192 20.13 8.24 -5.83
CA PHE B 192 18.88 7.83 -5.18
C PHE B 192 19.20 6.89 -4.02
N PHE B 193 18.31 6.84 -3.05
CA PHE B 193 18.57 6.12 -1.81
C PHE B 193 18.61 4.64 -2.09
N ASN B 194 19.48 3.92 -1.38
CA ASN B 194 19.62 2.49 -1.63
C ASN B 194 18.53 1.66 -0.97
N TYR B 195 17.30 1.87 -1.39
CA TYR B 195 16.18 1.07 -0.93
C TYR B 195 16.33 -0.38 -1.39
N SER B 196 15.86 -1.31 -0.58
CA SER B 196 16.01 -2.73 -0.93
C SER B 196 15.04 -3.59 -0.16
N GLY B 197 15.01 -4.88 -0.49
CA GLY B 197 14.09 -5.80 0.15
C GLY B 197 13.24 -6.47 -0.90
N LEU B 198 12.06 -6.91 -0.49
CA LEU B 198 11.04 -7.41 -1.41
C LEU B 198 10.05 -6.30 -1.72
N GLN B 199 10.35 -5.54 -2.76
CA GLN B 199 9.69 -4.26 -2.98
C GLN B 199 8.49 -4.40 -3.90
N ARG B 200 8.26 -5.61 -4.39
CA ARG B 200 7.15 -5.84 -5.31
C ARG B 200 6.40 -7.09 -4.92
N SER B 201 5.25 -7.28 -5.56
CA SER B 201 4.39 -8.40 -5.24
C SER B 201 5.08 -9.73 -5.47
N VAL B 202 4.69 -10.71 -4.66
CA VAL B 202 5.24 -12.05 -4.75
C VAL B 202 4.07 -13.02 -4.95
N TRP B 203 4.25 -13.96 -5.86
CA TRP B 203 3.23 -14.93 -6.09
C TRP B 203 3.79 -16.34 -6.07
N VAL B 204 2.91 -17.29 -5.81
CA VAL B 204 3.25 -18.68 -6.13
C VAL B 204 2.25 -19.07 -7.23
N ILE B 205 2.74 -19.67 -8.30
CA ILE B 205 1.86 -19.96 -9.43
C ILE B 205 1.98 -21.42 -9.87
N ALA B 206 0.96 -21.90 -10.57
CA ALA B 206 1.00 -23.25 -11.14
C ALA B 206 0.73 -23.16 -12.64
N LEU B 207 1.62 -23.74 -13.44
CA LEU B 207 1.49 -23.73 -14.90
C LEU B 207 1.29 -25.15 -15.40
N PRO B 208 0.67 -25.30 -16.58
CA PRO B 208 0.57 -26.64 -17.19
C PRO B 208 1.96 -27.12 -17.61
N GLU B 209 2.15 -28.42 -17.67
CA GLU B 209 3.46 -29.02 -17.96
C GLU B 209 4.03 -28.54 -19.30
N GLU B 210 3.16 -28.27 -20.25
CA GLU B 210 3.52 -27.65 -21.51
C GLU B 210 2.80 -26.31 -21.55
N SER B 211 3.55 -25.21 -21.57
CA SER B 211 2.92 -23.90 -21.44
C SER B 211 3.48 -22.87 -22.41
N VAL B 212 2.76 -21.77 -22.52
CA VAL B 212 3.25 -20.61 -23.26
C VAL B 212 4.30 -19.92 -22.42
N LYS B 213 5.53 -19.85 -22.92
CA LYS B 213 6.65 -19.32 -22.12
C LYS B 213 6.97 -17.87 -22.48
N ASP B 214 6.76 -17.52 -23.74
CA ASP B 214 7.02 -16.17 -24.23
C ASP B 214 6.25 -15.94 -25.52
N TYR B 215 6.01 -14.68 -25.84
CA TYR B 215 5.48 -14.33 -27.14
C TYR B 215 5.92 -12.91 -27.44
N SER B 216 5.87 -12.54 -28.72
CA SER B 216 6.24 -11.21 -29.16
C SER B 216 5.27 -10.75 -30.23
N VAL B 217 4.87 -9.49 -30.16
CA VAL B 217 4.06 -8.89 -31.21
C VAL B 217 4.74 -7.68 -31.81
N ASP B 218 4.47 -7.47 -33.10
CA ASP B 218 5.04 -6.36 -33.86
C ASP B 218 3.94 -5.91 -34.80
N TYR B 219 3.90 -4.62 -35.12
CA TYR B 219 2.75 -4.08 -35.82
C TYR B 219 3.09 -3.43 -37.16
N GLU B 220 2.17 -3.55 -38.11
CA GLU B 220 2.22 -2.80 -39.37
C GLU B 220 0.86 -2.15 -39.64
N LEU B 221 0.87 -0.89 -40.06
CA LEU B 221 -0.36 -0.21 -40.43
C LEU B 221 -0.56 -0.26 -41.96
N CYS B 222 -1.74 -0.68 -42.38
CA CYS B 222 -2.07 -0.78 -43.80
C CYS B 222 -3.39 -0.07 -44.11
N GLY B 223 -3.31 1.24 -44.34
CA GLY B 223 -4.50 2.03 -44.57
C GLY B 223 -5.38 2.01 -43.33
N THR B 224 -6.60 1.52 -43.47
CA THR B 224 -7.53 1.44 -42.35
C THR B 224 -7.33 0.17 -41.54
N ASP B 225 -6.50 -0.73 -42.07
CA ASP B 225 -6.27 -2.03 -41.44
C ASP B 225 -4.91 -2.11 -40.78
N ALA B 226 -4.71 -3.15 -39.98
CA ALA B 226 -3.42 -3.36 -39.33
C ALA B 226 -3.03 -4.81 -39.34
N LEU B 227 -1.73 -5.06 -39.30
CA LEU B 227 -1.20 -6.41 -39.17
C LEU B 227 -0.52 -6.58 -37.82
N VAL B 228 -0.84 -7.68 -37.13
CA VAL B 228 -0.14 -8.00 -35.91
C VAL B 228 0.73 -9.23 -36.15
N LYS B 229 2.01 -9.00 -36.33
CA LYS B 229 2.97 -10.08 -36.52
C LYS B 229 3.30 -10.66 -35.16
N TYR B 230 3.34 -11.98 -35.04
CA TYR B 230 3.61 -12.57 -33.73
C TYR B 230 4.53 -13.79 -33.76
N GLU B 231 5.14 -14.05 -32.61
CA GLU B 231 5.97 -15.22 -32.40
C GLU B 231 5.60 -15.79 -31.04
N VAL B 232 5.45 -17.10 -30.94
CA VAL B 232 5.13 -17.71 -29.66
C VAL B 232 6.17 -18.76 -29.30
N VAL B 233 6.60 -18.77 -28.05
CA VAL B 233 7.50 -19.81 -27.57
C VAL B 233 6.80 -20.64 -26.51
N THR B 234 6.74 -21.94 -26.72
CA THR B 234 6.14 -22.81 -25.72
C THR B 234 7.19 -23.76 -25.17
N THR B 235 6.84 -24.55 -24.18
CA THR B 235 7.78 -25.53 -23.63
C THR B 235 7.53 -26.91 -24.21
N GLY B 236 6.79 -26.96 -25.33
CA GLY B 236 6.45 -28.23 -25.94
C GLY B 236 6.30 -28.14 -27.44
N GLU B 237 5.73 -29.19 -28.03
CA GLU B 237 5.66 -29.28 -29.48
C GLU B 237 4.23 -29.23 -30.03
N HIS B 238 3.24 -29.18 -29.14
CA HIS B 238 1.85 -29.18 -29.59
C HIS B 238 1.48 -27.90 -30.32
N PRO B 239 0.44 -27.98 -31.15
CA PRO B 239 -0.02 -26.88 -32.00
C PRO B 239 -0.44 -25.65 -31.20
N VAL B 240 -0.28 -24.49 -31.80
CA VAL B 240 -0.65 -23.23 -31.17
C VAL B 240 -1.69 -22.49 -32.00
N ILE B 241 -2.73 -22.02 -31.31
CA ILE B 241 -3.72 -21.16 -31.94
C ILE B 241 -3.61 -19.80 -31.31
N VAL B 242 -3.69 -18.76 -32.13
CA VAL B 242 -3.62 -17.40 -31.62
C VAL B 242 -4.86 -16.63 -32.07
N ARG B 243 -5.53 -16.04 -31.09
CA ARG B 243 -6.72 -15.24 -31.33
C ARG B 243 -6.52 -13.81 -30.88
N LEU B 244 -7.20 -12.88 -31.55
CA LEU B 244 -7.21 -11.51 -31.10
C LEU B 244 -8.65 -11.07 -30.88
N LEU B 245 -8.93 -10.58 -29.67
CA LEU B 245 -10.24 -10.05 -29.32
C LEU B 245 -10.20 -8.54 -29.22
N ASP B 246 -11.30 -7.88 -29.56
CA ASP B 246 -11.35 -6.43 -29.40
C ASP B 246 -11.70 -6.08 -27.95
N ALA B 247 -11.92 -4.80 -27.68
CA ALA B 247 -12.12 -4.35 -26.32
C ALA B 247 -13.42 -4.88 -25.72
N GLU B 248 -14.32 -5.38 -26.57
CA GLU B 248 -15.55 -5.98 -26.09
C GLU B 248 -15.46 -7.49 -26.04
N GLY B 249 -14.27 -8.02 -26.34
CA GLY B 249 -14.05 -9.45 -26.29
C GLY B 249 -14.56 -10.20 -27.51
N GLU B 250 -14.89 -9.47 -28.58
CA GLU B 250 -15.30 -10.11 -29.83
C GLU B 250 -14.07 -10.51 -30.65
N LEU B 251 -14.17 -11.63 -31.34
CA LEU B 251 -13.07 -12.11 -32.19
C LEU B 251 -12.91 -11.25 -33.42
N VAL B 252 -11.68 -10.80 -33.68
CA VAL B 252 -11.40 -10.01 -34.88
C VAL B 252 -10.37 -10.70 -35.76
N ALA B 253 -9.68 -11.68 -35.20
CA ALA B 253 -8.65 -12.38 -35.97
C ALA B 253 -8.24 -13.65 -35.28
N GLU B 254 -7.92 -14.66 -36.07
CA GLU B 254 -7.52 -15.97 -35.57
C GLU B 254 -6.52 -16.58 -36.53
N THR B 255 -5.56 -17.33 -36.00
CA THR B 255 -4.51 -17.90 -36.85
C THR B 255 -3.90 -19.09 -36.13
N GLU B 256 -3.25 -19.95 -36.89
CA GLU B 256 -2.66 -21.16 -36.34
C GLU B 256 -1.15 -21.13 -36.50
N GLY B 257 -0.43 -21.66 -35.51
CA GLY B 257 1.01 -21.74 -35.57
C GLY B 257 1.71 -20.84 -34.57
N LYS B 258 2.94 -21.21 -34.21
CA LYS B 258 3.79 -20.44 -33.29
C LYS B 258 4.34 -19.17 -33.94
N GLU B 259 4.20 -19.03 -35.22
CA GLU B 259 4.61 -17.85 -35.88
C GLU B 259 3.56 -17.51 -36.92
N GLY B 260 3.17 -16.28 -37.04
CA GLY B 260 2.10 -15.92 -37.96
C GLY B 260 1.73 -14.47 -37.92
N ILE B 261 0.68 -14.14 -38.66
CA ILE B 261 0.19 -12.78 -38.70
C ILE B 261 -1.30 -12.75 -38.44
N LEU B 262 -1.74 -11.76 -37.68
CA LEU B 262 -3.15 -11.54 -37.44
C LEU B 262 -3.56 -10.31 -38.22
N GLN B 263 -4.55 -10.47 -39.09
CA GLN B 263 -5.04 -9.37 -39.90
C GLN B 263 -6.22 -8.71 -39.21
N VAL B 264 -6.12 -7.40 -38.98
CA VAL B 264 -7.19 -6.69 -38.29
C VAL B 264 -7.82 -5.61 -39.17
N ALA B 265 -9.07 -5.83 -39.58
CA ALA B 265 -9.76 -4.87 -40.41
C ALA B 265 -10.28 -3.69 -39.58
N ASN B 266 -10.14 -2.49 -40.12
CA ASN B 266 -10.58 -1.27 -39.44
C ASN B 266 -10.04 -1.20 -38.02
N ALA B 267 -8.75 -1.50 -37.88
CA ALA B 267 -8.11 -1.56 -36.56
C ALA B 267 -8.29 -0.26 -35.79
N ARG B 268 -8.57 -0.37 -34.50
CA ARG B 268 -8.65 0.79 -33.62
C ARG B 268 -7.28 0.96 -32.96
N LEU B 269 -6.52 1.94 -33.44
CA LEU B 269 -5.14 2.09 -33.02
C LEU B 269 -5.04 2.61 -31.58
N TRP B 270 -4.03 2.11 -30.88
CA TRP B 270 -3.60 2.66 -29.60
C TRP B 270 -2.96 4.02 -29.87
N GLU B 271 -3.59 5.09 -29.37
CA GLU B 271 -3.10 6.44 -29.64
C GLU B 271 -2.59 7.09 -28.36
N VAL B 272 -1.73 8.09 -28.52
CA VAL B 272 -1.21 8.85 -27.37
C VAL B 272 -2.34 9.45 -26.58
N ARG B 273 -2.39 9.12 -25.28
CA ARG B 273 -3.42 9.62 -24.38
C ARG B 273 -4.82 9.27 -24.89
N ASN B 274 -4.90 8.22 -25.70
CA ASN B 274 -6.19 7.77 -26.21
C ASN B 274 -6.05 6.30 -26.54
N ALA B 275 -5.90 5.50 -25.50
CA ALA B 275 -5.55 4.10 -25.65
C ALA B 275 -6.73 3.30 -26.17
N TYR B 276 -6.41 2.25 -26.92
CA TYR B 276 -7.36 1.20 -27.22
C TYR B 276 -6.58 -0.09 -27.14
N LEU B 277 -7.13 -1.09 -26.44
CA LEU B 277 -6.41 -2.32 -26.21
C LEU B 277 -7.18 -3.53 -26.72
N TYR B 278 -6.52 -4.31 -27.57
CA TYR B 278 -7.02 -5.62 -27.93
C TYR B 278 -6.51 -6.62 -26.92
N GLN B 279 -7.07 -7.82 -26.99
CA GLN B 279 -6.61 -8.90 -26.13
C GLN B 279 -6.11 -10.03 -26.99
N ILE B 280 -4.83 -10.36 -26.85
CA ILE B 280 -4.30 -11.53 -27.56
C ILE B 280 -4.56 -12.76 -26.71
N VAL B 281 -4.96 -13.85 -27.35
CA VAL B 281 -5.22 -15.11 -26.69
C VAL B 281 -4.38 -16.18 -27.35
N ILE B 282 -3.54 -16.85 -26.55
CA ILE B 282 -2.63 -17.85 -27.09
C ILE B 282 -2.99 -19.21 -26.52
N LEU B 283 -3.36 -20.13 -27.40
CA LEU B 283 -3.80 -21.45 -26.96
C LEU B 283 -2.84 -22.55 -27.41
N ILE B 284 -2.53 -23.47 -26.51
CA ILE B 284 -1.84 -24.70 -26.87
C ILE B 284 -2.88 -25.81 -26.93
N THR B 285 -3.01 -26.44 -28.09
CA THR B 285 -4.09 -27.39 -28.28
C THR B 285 -3.61 -28.84 -28.37
N ASP B 286 -4.47 -29.76 -27.95
CA ASP B 286 -4.15 -31.18 -28.00
C ASP B 286 -5.09 -31.92 -28.94
N GLY B 287 -5.63 -31.20 -29.91
CA GLY B 287 -6.56 -31.78 -30.87
C GLY B 287 -7.99 -31.39 -30.61
N ASN B 288 -8.53 -31.85 -29.48
CA ASN B 288 -9.87 -31.56 -29.12
C ASN B 288 -9.76 -30.43 -28.13
N GLY B 289 -8.77 -30.64 -27.28
CA GLY B 289 -8.56 -30.13 -25.93
C GLY B 289 -7.51 -29.04 -25.87
N VAL B 290 -7.66 -28.14 -24.89
CA VAL B 290 -6.67 -27.10 -24.67
C VAL B 290 -5.73 -27.50 -23.53
N LEU B 291 -4.43 -27.30 -23.74
CA LEU B 291 -3.42 -27.57 -22.73
C LEU B 291 -3.07 -26.34 -21.90
N ASP B 292 -3.11 -25.17 -22.55
CA ASP B 292 -2.73 -23.92 -21.91
C ASP B 292 -3.36 -22.75 -22.63
N GLU B 293 -3.61 -21.69 -21.88
CA GLU B 293 -4.12 -20.47 -22.48
C GLU B 293 -3.44 -19.30 -21.80
N TYR B 294 -2.86 -18.41 -22.59
CA TYR B 294 -2.34 -17.16 -22.03
C TYR B 294 -3.04 -15.99 -22.71
N ARG B 295 -3.47 -15.01 -21.91
CA ARG B 295 -4.11 -13.81 -22.44
C ARG B 295 -3.41 -12.58 -21.92
N GLU B 296 -3.35 -11.53 -22.74
CA GLU B 296 -2.77 -10.26 -22.32
C GLU B 296 -3.29 -9.14 -23.20
N LYS B 297 -3.51 -7.96 -22.63
CA LYS B 297 -3.89 -6.82 -23.45
C LYS B 297 -2.70 -6.27 -24.20
N ILE B 298 -2.89 -5.96 -25.49
CA ILE B 298 -1.88 -5.31 -26.30
C ILE B 298 -2.52 -4.16 -27.06
N GLY B 299 -1.69 -3.24 -27.55
CA GLY B 299 -2.19 -2.09 -28.28
C GLY B 299 -1.52 -1.96 -29.62
N ILE B 300 -2.32 -1.75 -30.67
CA ILE B 300 -1.78 -1.68 -32.02
C ILE B 300 -1.27 -0.28 -32.28
N ARG B 301 0.05 -0.18 -32.44
CA ARG B 301 0.68 1.11 -32.61
C ARG B 301 2.09 0.93 -33.15
N THR B 302 2.56 1.88 -33.95
CA THR B 302 3.93 1.84 -34.42
C THR B 302 4.68 3.03 -33.89
N VAL B 303 5.96 2.84 -33.63
CA VAL B 303 6.83 3.94 -33.28
C VAL B 303 8.04 3.88 -34.19
N ARG B 304 8.41 5.03 -34.74
CA ARG B 304 9.49 5.09 -35.71
C ARG B 304 10.16 6.46 -35.64
N ILE B 305 11.48 6.47 -35.82
CA ILE B 305 12.20 7.73 -35.95
C ILE B 305 12.38 8.03 -37.42
N GLU B 306 11.96 9.22 -37.83
CA GLU B 306 12.20 9.65 -39.20
C GLU B 306 12.87 11.02 -39.19
N GLY B 307 14.16 11.05 -39.54
CA GLY B 307 14.94 12.27 -39.44
C GLY B 307 14.97 12.69 -37.97
N THR B 308 14.60 13.94 -37.70
CA THR B 308 14.62 14.45 -36.32
C THR B 308 13.27 14.27 -35.64
N LYS B 309 12.37 13.55 -36.29
CA LYS B 309 11.01 13.38 -35.79
C LYS B 309 10.79 12.03 -35.15
N ILE B 310 10.02 12.00 -34.06
CA ILE B 310 9.57 10.74 -33.49
C ILE B 310 8.15 10.53 -33.94
N LEU B 311 7.87 9.38 -34.56
CA LEU B 311 6.54 9.15 -35.11
C LEU B 311 5.79 8.06 -34.37
N LEU B 312 4.56 8.38 -33.96
CA LEU B 312 3.67 7.38 -33.42
C LEU B 312 2.50 7.21 -34.36
N ASN B 313 2.34 6.01 -34.89
CA ASN B 313 1.30 5.74 -35.87
C ASN B 313 1.42 6.71 -37.04
N ASP B 314 2.65 6.96 -37.47
CA ASP B 314 2.94 7.80 -38.62
C ASP B 314 2.73 9.28 -38.43
N ARG B 315 2.58 9.69 -37.20
CA ARG B 315 2.38 11.11 -36.93
C ARG B 315 3.41 11.56 -35.90
N PRO B 316 3.98 12.75 -36.10
CA PRO B 316 4.99 13.26 -35.17
C PRO B 316 4.41 13.44 -33.77
N VAL B 317 5.18 13.04 -32.78
CA VAL B 317 4.82 13.29 -31.40
C VAL B 317 5.99 14.00 -30.72
N TYR B 318 5.67 15.01 -29.92
CA TYR B 318 6.67 15.67 -29.09
C TYR B 318 6.52 15.12 -27.67
N LEU B 319 7.58 14.56 -27.11
CA LEU B 319 7.47 13.96 -25.79
C LEU B 319 7.37 15.06 -24.75
N LYS B 320 6.43 14.91 -23.82
CA LYS B 320 6.23 15.86 -22.76
C LYS B 320 6.01 15.10 -21.46
N GLY B 321 6.86 15.30 -20.46
CA GLY B 321 6.64 14.54 -19.24
C GLY B 321 7.80 14.65 -18.27
N PHE B 322 8.10 13.52 -17.63
CA PHE B 322 9.01 13.50 -16.50
C PHE B 322 9.85 12.24 -16.44
N GLY B 323 11.03 12.36 -15.87
CA GLY B 323 11.65 11.24 -15.19
C GLY B 323 10.93 11.03 -13.86
N LYS B 324 10.70 9.77 -13.52
CA LYS B 324 10.07 9.45 -12.24
C LYS B 324 11.02 8.65 -11.37
N HIS B 325 10.50 8.12 -10.28
CA HIS B 325 11.20 7.14 -9.45
C HIS B 325 10.11 6.26 -8.88
N GLU B 326 10.46 5.07 -8.44
CA GLU B 326 9.55 4.34 -7.59
C GLU B 326 9.89 4.76 -6.17
N ASP B 327 9.11 5.69 -5.64
CA ASP B 327 9.46 6.33 -4.40
C ASP B 327 8.22 6.95 -3.77
N PHE B 328 8.00 6.67 -2.48
CA PHE B 328 6.82 7.15 -1.78
C PHE B 328 7.11 7.08 -0.30
N PRO B 329 6.51 7.98 0.49
CA PRO B 329 6.77 8.00 1.93
C PRO B 329 6.53 6.65 2.58
N ILE B 330 7.48 6.25 3.42
CA ILE B 330 7.44 5.03 4.23
C ILE B 330 7.62 3.74 3.42
N LEU B 331 6.86 3.57 2.34
CA LEU B 331 6.96 2.35 1.52
C LEU B 331 8.27 2.25 0.74
N GLY B 332 8.97 3.38 0.59
CA GLY B 332 10.17 3.43 -0.23
C GLY B 332 9.85 3.16 -1.69
N ARG B 333 10.42 2.09 -2.25
CA ARG B 333 10.09 1.71 -3.63
C ARG B 333 8.97 0.68 -3.66
N GLY B 334 8.38 0.40 -2.51
CA GLY B 334 7.32 -0.57 -2.42
C GLY B 334 6.18 -0.29 -3.37
N PHE B 335 5.75 -1.31 -4.10
CA PHE B 335 4.69 -1.10 -5.06
C PHE B 335 3.33 -0.93 -4.39
N HIS B 336 2.53 0.00 -4.89
CA HIS B 336 1.16 0.12 -4.46
C HIS B 336 0.36 0.75 -5.59
N TRP B 337 -0.77 0.15 -5.94
CA TRP B 337 -1.59 0.70 -7.01
C TRP B 337 -2.05 2.13 -6.74
N GLY B 338 -2.15 2.48 -5.46
CA GLY B 338 -2.55 3.84 -5.09
C GLY B 338 -1.54 4.86 -5.58
N ILE B 339 -0.27 4.52 -5.50
CA ILE B 339 0.76 5.45 -5.99
C ILE B 339 0.64 5.59 -7.50
N VAL B 340 0.39 4.48 -8.19
CA VAL B 340 0.19 4.53 -9.63
C VAL B 340 -0.99 5.44 -9.98
N LYS B 341 -2.12 5.24 -9.29
CA LYS B 341 -3.33 6.03 -9.58
C LYS B 341 -3.08 7.53 -9.39
N ARG B 342 -2.56 7.93 -8.22
CA ARG B 342 -2.31 9.35 -7.98
C ARG B 342 -1.35 9.93 -9.02
N ASP B 343 -0.26 9.22 -9.30
CA ASP B 343 0.76 9.75 -10.20
C ASP B 343 0.17 9.94 -11.60
N PHE B 344 -0.62 8.98 -12.08
CA PHE B 344 -1.22 9.15 -13.41
C PHE B 344 -2.26 10.26 -13.44
N GLU B 345 -3.01 10.44 -12.35
CA GLU B 345 -3.92 11.59 -12.35
C GLU B 345 -3.14 12.89 -12.40
N CYS B 346 -2.04 12.96 -11.66
CA CYS B 346 -1.20 14.17 -11.72
C CYS B 346 -0.59 14.36 -13.10
N LEU B 347 -0.08 13.28 -13.68
CA LEU B 347 0.54 13.36 -14.99
C LEU B 347 -0.47 13.90 -16.02
N LYS B 348 -1.69 13.38 -15.97
CA LYS B 348 -2.72 13.83 -16.90
C LYS B 348 -3.05 15.32 -16.67
N TRP B 349 -3.09 15.72 -15.41
CA TRP B 349 -3.41 17.11 -15.07
C TRP B 349 -2.35 18.05 -15.63
N THR B 350 -1.09 17.59 -15.74
CA THR B 350 -0.04 18.42 -16.34
C THR B 350 -0.06 18.41 -17.86
N ASN B 351 -0.90 17.55 -18.44
CA ASN B 351 -0.97 17.37 -19.89
C ASN B 351 0.26 16.66 -20.47
N ALA B 352 0.97 15.91 -19.62
CA ALA B 352 2.08 15.08 -20.09
C ALA B 352 1.62 13.94 -20.99
N ASN B 353 2.53 13.41 -21.79
CA ASN B 353 2.24 12.19 -22.53
C ASN B 353 3.29 11.10 -22.34
N CYS B 354 4.27 11.33 -21.48
CA CYS B 354 5.42 10.43 -21.45
C CYS B 354 6.16 10.43 -20.11
N PHE B 355 6.70 9.27 -19.72
CA PHE B 355 7.69 9.29 -18.66
C PHE B 355 8.77 8.26 -18.92
N ARG B 356 9.94 8.50 -18.34
CA ARG B 356 11.05 7.57 -18.37
C ARG B 356 11.14 6.86 -17.04
N THR B 357 11.38 5.55 -17.06
CA THR B 357 11.50 4.80 -15.81
C THR B 357 12.92 4.96 -15.26
N SER B 358 13.31 6.19 -14.99
CA SER B 358 14.56 6.46 -14.30
C SER B 358 14.56 5.82 -12.90
N HIS B 359 15.62 5.11 -12.50
CA HIS B 359 16.73 4.69 -13.33
C HIS B 359 16.80 3.16 -13.29
N TYR B 360 15.66 2.51 -13.54
CA TYR B 360 15.53 1.06 -13.43
C TYR B 360 14.14 0.69 -13.92
N PRO B 361 13.97 -0.53 -14.41
CA PRO B 361 12.61 -0.92 -14.77
C PRO B 361 11.73 -0.86 -13.54
N TYR B 362 10.50 -0.41 -13.73
CA TYR B 362 9.55 -0.30 -12.62
C TYR B 362 8.74 -1.59 -12.47
N ALA B 363 7.90 -1.64 -11.45
CA ALA B 363 6.96 -2.75 -11.32
C ALA B 363 6.10 -2.85 -12.59
N GLU B 364 5.80 -4.08 -13.00
CA GLU B 364 5.11 -4.30 -14.26
C GLU B 364 3.79 -3.57 -14.32
N GLU B 365 3.17 -3.41 -13.15
CA GLU B 365 1.89 -2.72 -13.04
C GLU B 365 1.92 -1.29 -13.59
N TRP B 366 3.06 -0.60 -13.48
CA TRP B 366 3.19 0.75 -14.02
C TRP B 366 2.96 0.78 -15.54
N TYR B 367 3.48 -0.21 -16.23
CA TYR B 367 3.36 -0.28 -17.68
C TYR B 367 1.94 -0.68 -18.07
N GLN B 368 1.36 -1.62 -17.32
CA GLN B 368 -0.01 -2.02 -17.56
C GLN B 368 -0.90 -0.81 -17.52
N PHE B 369 -0.63 0.08 -16.57
CA PHE B 369 -1.50 1.22 -16.43
C PHE B 369 -1.21 2.27 -17.50
N ALA B 370 0.05 2.40 -17.90
CA ALA B 370 0.41 3.31 -18.99
C ALA B 370 -0.26 2.83 -20.29
N ASP B 371 -0.38 1.52 -20.47
CA ASP B 371 -1.12 0.97 -21.60
C ASP B 371 -2.58 1.48 -21.61
N GLU B 372 -3.22 1.41 -20.45
CA GLU B 372 -4.61 1.86 -20.32
C GLU B 372 -4.77 3.36 -20.52
N GLU B 373 -3.78 4.15 -20.11
CA GLU B 373 -3.91 5.60 -20.11
C GLU B 373 -3.30 6.24 -21.35
N GLY B 374 -2.71 5.42 -22.22
CA GLY B 374 -2.11 5.95 -23.42
C GLY B 374 -0.84 6.76 -23.21
N PHE B 375 -0.07 6.43 -22.16
CA PHE B 375 1.18 7.11 -21.92
C PHE B 375 2.34 6.43 -22.61
N LEU B 376 3.31 7.22 -23.03
CA LEU B 376 4.51 6.72 -23.68
C LEU B 376 5.59 6.50 -22.65
N ILE B 377 6.26 5.36 -22.70
CA ILE B 377 7.31 5.07 -21.74
C ILE B 377 8.66 4.84 -22.39
N ILE B 378 9.67 5.54 -21.87
CA ILE B 378 11.05 5.18 -22.12
C ILE B 378 11.49 4.27 -20.98
N ASP B 379 11.75 3.02 -21.31
CA ASP B 379 12.03 1.97 -20.35
C ASP B 379 13.53 1.88 -20.12
N GLU B 380 13.97 2.04 -18.88
CA GLU B 380 15.39 2.21 -18.62
C GLU B 380 15.97 1.12 -17.72
N VAL B 381 17.06 0.52 -18.19
CA VAL B 381 17.83 -0.49 -17.45
C VAL B 381 18.66 0.22 -16.39
N PRO B 382 18.99 -0.46 -15.27
CA PRO B 382 19.60 0.27 -14.15
C PRO B 382 21.08 0.60 -14.35
N ALA B 383 21.47 0.89 -15.57
CA ALA B 383 22.87 1.14 -15.88
C ALA B 383 23.20 2.59 -15.54
N VAL B 384 23.20 2.88 -14.24
CA VAL B 384 23.52 4.21 -13.78
C VAL B 384 24.66 4.08 -12.77
N GLY B 385 25.47 5.12 -12.67
CA GLY B 385 26.61 5.10 -11.77
C GLY B 385 27.86 4.47 -12.37
N MET B 386 27.96 4.50 -13.70
CA MET B 386 29.12 3.92 -14.36
C MET B 386 30.20 4.96 -14.67
N MET B 387 30.33 5.95 -13.80
CA MET B 387 31.43 6.89 -13.89
C MET B 387 32.34 6.75 -12.67
N ALA B 407 38.55 -0.94 -15.17
CA ALA B 407 39.49 -1.99 -14.83
C ALA B 407 38.91 -3.32 -15.27
N LEU B 408 39.50 -4.41 -14.77
CA LEU B 408 39.08 -5.76 -15.13
C LEU B 408 37.85 -6.26 -14.36
N THR B 409 36.95 -5.33 -14.08
CA THR B 409 35.66 -5.64 -13.47
C THR B 409 34.58 -5.24 -14.46
N VAL B 410 35.02 -4.80 -15.64
CA VAL B 410 34.11 -4.37 -16.69
C VAL B 410 33.50 -5.54 -17.46
N PRO B 411 34.29 -6.58 -17.77
CA PRO B 411 33.69 -7.75 -18.41
C PRO B 411 32.53 -8.33 -17.60
N GLU B 412 32.68 -8.39 -16.31
CA GLU B 412 31.63 -8.83 -15.46
C GLU B 412 30.44 -7.82 -15.44
N LEU B 413 30.78 -6.56 -15.36
CA LEU B 413 29.77 -5.52 -15.42
C LEU B 413 28.98 -5.64 -16.72
N LEU B 414 29.68 -5.85 -17.82
CA LEU B 414 29.04 -5.95 -19.12
C LEU B 414 28.05 -7.13 -19.14
N LYS B 415 28.45 -8.24 -18.53
CA LYS B 415 27.58 -9.40 -18.44
C LYS B 415 26.28 -9.08 -17.69
N SER B 416 26.39 -8.40 -16.55
CA SER B 416 25.19 -8.06 -15.77
C SER B 416 24.31 -7.10 -16.54
N HIS B 417 24.95 -6.10 -17.16
CA HIS B 417 24.27 -5.08 -17.95
C HIS B 417 23.46 -5.73 -19.07
N ILE B 418 24.09 -6.67 -19.78
CA ILE B 418 23.40 -7.33 -20.87
C ILE B 418 22.27 -8.22 -20.34
N ALA B 419 22.52 -8.90 -19.23
CA ALA B 419 21.50 -9.74 -18.61
C ALA B 419 20.26 -8.93 -18.22
N ASP B 420 20.47 -7.79 -17.54
CA ASP B 420 19.36 -6.91 -17.16
C ASP B 420 18.61 -6.41 -18.40
N THR B 421 19.37 -6.09 -19.45
CA THR B 421 18.79 -5.62 -20.71
C THR B 421 17.90 -6.72 -21.30
N GLU B 422 18.42 -7.95 -21.30
CA GLU B 422 17.65 -9.07 -21.82
C GLU B 422 16.34 -9.27 -21.05
N GLU B 423 16.44 -9.26 -19.72
CA GLU B 423 15.26 -9.49 -18.89
C GLU B 423 14.27 -8.33 -19.04
N MET B 424 14.75 -7.09 -19.07
CA MET B 424 13.86 -5.95 -19.19
C MET B 424 13.03 -6.02 -20.47
N ILE B 425 13.71 -6.27 -21.58
CA ILE B 425 13.06 -6.24 -22.88
C ILE B 425 12.13 -7.44 -23.01
N THR B 426 12.58 -8.60 -22.55
CA THR B 426 11.71 -9.76 -22.61
C THR B 426 10.44 -9.54 -21.77
N ARG B 427 10.59 -8.85 -20.64
CA ARG B 427 9.45 -8.60 -19.77
C ARG B 427 8.48 -7.58 -20.37
N ASP B 428 9.03 -6.53 -20.99
CA ASP B 428 8.25 -5.31 -21.28
C ASP B 428 7.90 -5.08 -22.74
N LYS B 429 8.42 -5.90 -23.64
CA LYS B 429 8.28 -5.64 -25.07
C LYS B 429 6.83 -5.56 -25.59
N ASN B 430 5.88 -6.24 -24.96
CA ASN B 430 4.54 -6.30 -25.53
C ASN B 430 3.61 -5.22 -25.00
N HIS B 431 4.14 -4.33 -24.19
CA HIS B 431 3.38 -3.14 -23.78
C HIS B 431 3.37 -2.10 -24.90
N PRO B 432 2.17 -1.68 -25.33
CA PRO B 432 2.13 -0.60 -26.32
C PRO B 432 2.76 0.69 -25.79
N SER B 433 2.72 0.90 -24.48
CA SER B 433 3.29 2.12 -23.91
C SER B 433 4.81 2.23 -24.09
N VAL B 434 5.50 1.09 -24.13
CA VAL B 434 6.96 1.14 -24.21
C VAL B 434 7.39 1.44 -25.64
N ILE B 435 7.98 2.61 -25.84
CA ILE B 435 8.30 3.06 -27.18
C ILE B 435 9.80 3.27 -27.37
N ALA B 436 10.55 3.09 -26.29
CA ALA B 436 12.00 3.23 -26.39
C ALA B 436 12.68 2.53 -25.22
N TRP B 437 13.90 2.06 -25.44
CA TRP B 437 14.75 1.54 -24.38
C TRP B 437 15.87 2.53 -24.07
N SER B 438 16.04 2.85 -22.79
CA SER B 438 17.19 3.62 -22.34
C SER B 438 18.20 2.65 -21.74
N LEU B 439 19.38 2.56 -22.35
CA LEU B 439 20.32 1.51 -22.00
C LEU B 439 21.46 2.01 -21.10
N PHE B 440 21.36 3.27 -20.69
CA PHE B 440 22.29 3.82 -19.71
C PHE B 440 21.86 5.21 -19.23
N ASN B 441 22.33 5.56 -18.04
CA ASN B 441 22.20 6.93 -17.57
C ASN B 441 23.56 7.46 -17.14
N GLU B 442 24.15 8.30 -17.97
CA GLU B 442 25.37 8.99 -17.66
C GLU B 442 26.57 8.10 -17.40
N PRO B 443 26.90 7.24 -18.36
CA PRO B 443 28.15 6.50 -18.29
C PRO B 443 29.29 7.32 -18.89
N GLU B 444 30.52 6.84 -18.75
CA GLU B 444 31.63 7.35 -19.53
C GLU B 444 31.39 6.97 -20.99
N THR B 445 31.48 7.93 -21.90
CA THR B 445 31.17 7.66 -23.31
C THR B 445 32.26 8.13 -24.27
N ILE B 446 33.35 8.66 -23.74
CA ILE B 446 34.33 9.35 -24.58
C ILE B 446 35.57 8.52 -24.95
N THR B 447 35.62 7.26 -24.52
CA THR B 447 36.77 6.42 -24.84
C THR B 447 36.44 5.35 -25.88
N ASP B 448 37.48 4.73 -26.45
CA ASP B 448 37.32 3.65 -27.42
C ASP B 448 36.69 2.42 -26.79
N TYR B 449 37.18 2.05 -25.60
CA TYR B 449 36.66 0.87 -24.90
C TYR B 449 35.21 1.08 -24.44
N ALA B 450 34.84 2.32 -24.16
CA ALA B 450 33.44 2.63 -23.86
C ALA B 450 32.58 2.28 -25.07
N TYR B 451 33.09 2.61 -26.25
CA TYR B 451 32.40 2.28 -27.49
C TYR B 451 32.16 0.77 -27.62
N GLU B 452 33.23 -0.02 -27.49
CA GLU B 452 33.10 -1.48 -27.65
C GLU B 452 32.13 -2.05 -26.63
N TYR B 453 32.16 -1.51 -25.42
CA TYR B 453 31.26 -1.95 -24.37
C TYR B 453 29.81 -1.73 -24.80
N PHE B 454 29.48 -0.52 -25.21
CA PHE B 454 28.08 -0.22 -25.50
C PHE B 454 27.61 -0.83 -26.81
N LYS B 455 28.52 -1.06 -27.73
CA LYS B 455 28.20 -1.81 -28.94
C LYS B 455 27.64 -3.18 -28.58
N GLU B 456 28.27 -3.82 -27.59
CA GLU B 456 27.80 -5.12 -27.12
C GLU B 456 26.40 -5.01 -26.52
N VAL B 457 26.18 -3.97 -25.73
CA VAL B 457 24.89 -3.80 -25.06
C VAL B 457 23.77 -3.56 -26.10
N PHE B 458 24.01 -2.64 -27.03
CA PHE B 458 23.02 -2.33 -28.05
C PHE B 458 22.76 -3.52 -28.96
N ALA B 459 23.82 -4.26 -29.28
CA ALA B 459 23.67 -5.45 -30.10
C ALA B 459 22.73 -6.43 -29.42
N ALA B 460 22.98 -6.68 -28.15
CA ALA B 460 22.15 -7.56 -27.35
C ALA B 460 20.70 -7.09 -27.31
N ALA B 461 20.52 -5.80 -27.06
CA ALA B 461 19.18 -5.24 -26.99
C ALA B 461 18.44 -5.46 -28.29
N GLU B 462 19.14 -5.31 -29.40
CA GLU B 462 18.53 -5.45 -30.71
C GLU B 462 18.05 -6.88 -30.96
N THR B 463 18.78 -7.85 -30.43
CA THR B 463 18.41 -9.23 -30.64
C THR B 463 17.17 -9.60 -29.84
N TYR B 464 16.97 -8.94 -28.70
CA TYR B 464 15.86 -9.32 -27.82
C TYR B 464 14.55 -8.57 -28.09
N ASP B 465 14.61 -7.42 -28.74
CA ASP B 465 13.37 -6.69 -29.05
C ASP B 465 12.82 -7.03 -30.42
N PHE B 466 11.74 -7.80 -30.41
CA PHE B 466 11.02 -8.20 -31.60
C PHE B 466 10.57 -7.01 -32.45
N GLN B 467 10.36 -5.86 -31.81
CA GLN B 467 9.89 -4.68 -32.53
C GLN B 467 11.02 -3.74 -32.98
N SER B 468 12.22 -3.95 -32.47
CA SER B 468 13.36 -3.11 -32.80
C SER B 468 13.04 -1.64 -32.60
N ARG B 469 12.35 -1.32 -31.51
CA ARG B 469 11.98 0.06 -31.24
C ARG B 469 13.20 0.86 -30.82
N PRO B 470 13.07 2.19 -30.80
CA PRO B 470 14.20 3.08 -30.59
C PRO B 470 14.99 2.79 -29.31
N MET B 471 16.32 2.84 -29.41
CA MET B 471 17.20 2.62 -28.28
C MET B 471 18.02 3.88 -28.05
N THR B 472 18.24 4.20 -26.78
CA THR B 472 18.92 5.40 -26.45
C THR B 472 19.68 5.25 -25.15
N GLY B 473 20.21 6.35 -24.64
CA GLY B 473 20.78 6.42 -23.32
C GLY B 473 20.82 7.88 -22.97
N ALA B 474 20.87 8.19 -21.69
CA ALA B 474 20.94 9.59 -21.27
C ALA B 474 22.38 9.98 -21.04
N PHE B 475 22.82 11.01 -21.75
CA PHE B 475 24.19 11.53 -21.64
C PHE B 475 24.28 12.71 -20.69
N GLU B 476 25.34 12.73 -19.89
CA GLU B 476 25.60 13.91 -19.08
C GLU B 476 26.52 14.87 -19.83
N LYS B 477 26.73 16.05 -19.27
CA LYS B 477 27.46 17.12 -19.89
C LYS B 477 28.86 16.71 -20.40
N ASN B 478 29.57 15.93 -19.64
CA ASN B 478 30.95 15.56 -19.98
C ASN B 478 31.02 14.71 -21.24
N SER B 479 29.87 14.25 -21.71
CA SER B 479 29.78 13.66 -23.04
C SER B 479 29.67 14.80 -24.06
N LYS B 480 30.75 15.58 -24.18
CA LYS B 480 30.85 16.68 -25.13
C LYS B 480 30.64 16.22 -26.56
N PRO B 481 29.97 17.06 -27.38
CA PRO B 481 29.83 16.76 -28.81
C PRO B 481 31.17 16.43 -29.48
N GLU B 482 32.24 17.12 -29.10
CA GLU B 482 33.56 16.90 -29.71
C GLU B 482 34.25 15.63 -29.19
N LEU B 483 33.76 15.08 -28.09
CA LEU B 483 34.42 13.97 -27.43
C LEU B 483 33.64 12.65 -27.45
N CYS B 484 32.32 12.72 -27.34
CA CYS B 484 31.48 11.51 -27.20
C CYS B 484 31.61 10.57 -28.39
N LYS B 485 31.79 9.28 -28.11
CA LYS B 485 31.92 8.29 -29.18
C LYS B 485 30.74 7.32 -29.22
N CYS B 486 29.77 7.49 -28.32
CA CYS B 486 28.68 6.53 -28.24
C CYS B 486 27.36 6.99 -28.86
N TYR B 487 27.16 8.29 -29.02
CA TYR B 487 25.88 8.79 -29.54
C TYR B 487 25.49 8.24 -30.92
N PRO B 488 26.46 7.83 -31.75
CA PRO B 488 26.06 7.21 -33.02
C PRO B 488 25.27 5.90 -32.86
N LEU B 489 25.40 5.24 -31.72
CA LEU B 489 24.69 3.99 -31.48
C LEU B 489 23.20 4.23 -31.25
N CYS B 490 22.83 5.47 -30.92
CA CYS B 490 21.47 5.77 -30.49
C CYS B 490 20.52 6.12 -31.62
N ASP B 491 19.28 5.65 -31.54
CA ASP B 491 18.26 6.05 -32.49
C ASP B 491 17.83 7.51 -32.28
N PHE B 492 17.87 7.96 -31.03
CA PHE B 492 17.72 9.39 -30.75
C PHE B 492 18.56 9.67 -29.53
N ILE B 493 18.93 10.93 -29.33
CA ILE B 493 19.87 11.29 -28.28
C ILE B 493 19.13 11.90 -27.09
N CYS B 494 19.44 11.41 -25.89
CA CYS B 494 18.89 11.98 -24.65
C CYS B 494 19.95 12.75 -23.89
N LEU B 495 19.63 13.99 -23.54
CA LEU B 495 20.54 14.81 -22.78
C LEU B 495 19.98 15.13 -21.39
N ASN B 496 20.80 14.93 -20.37
CA ASN B 496 20.56 15.46 -19.01
C ASN B 496 21.36 16.74 -18.86
N ARG B 497 20.69 17.87 -18.72
CA ARG B 497 21.43 19.13 -18.58
C ARG B 497 20.90 19.98 -17.43
N TYR B 498 21.82 20.65 -16.76
CA TYR B 498 21.49 21.47 -15.60
C TYR B 498 22.17 22.84 -15.72
N TYR B 499 22.11 23.39 -16.93
CA TYR B 499 22.46 24.78 -17.13
C TYR B 499 21.47 25.64 -16.36
N GLY B 500 21.97 26.38 -15.37
CA GLY B 500 21.10 27.17 -14.52
C GLY B 500 20.94 26.51 -13.16
N TRP B 501 21.55 25.34 -12.96
CA TRP B 501 21.55 24.76 -11.62
C TRP B 501 22.98 24.39 -11.21
N TYR B 502 23.51 23.30 -11.74
CA TYR B 502 24.89 22.93 -11.44
C TYR B 502 25.92 23.78 -12.19
N ILE B 503 25.49 24.39 -13.28
CA ILE B 503 26.35 25.25 -14.08
C ILE B 503 25.73 26.64 -14.17
N SER B 504 26.43 27.63 -13.61
CA SER B 504 26.03 29.02 -13.75
C SER B 504 24.61 29.25 -13.24
N GLY B 505 24.33 28.80 -12.02
CA GLY B 505 23.02 29.02 -11.47
C GLY B 505 22.82 30.42 -10.93
N GLY B 506 21.58 30.76 -10.62
CA GLY B 506 21.29 31.96 -9.86
C GLY B 506 21.67 33.23 -10.59
N PRO B 507 22.55 34.05 -9.99
CA PRO B 507 22.94 35.32 -10.60
C PRO B 507 23.56 35.13 -11.99
N GLU B 508 24.01 33.91 -12.27
CA GLU B 508 24.67 33.63 -13.56
C GLU B 508 23.75 32.98 -14.59
N ILE B 509 22.44 32.98 -14.34
CA ILE B 509 21.55 32.21 -15.21
C ILE B 509 21.57 32.70 -16.67
N GLU B 510 21.92 33.97 -16.89
CA GLU B 510 22.00 34.46 -18.27
C GLU B 510 23.24 33.87 -18.96
N GLU B 511 24.32 33.75 -18.21
CA GLU B 511 25.51 33.04 -18.67
C GLU B 511 25.19 31.56 -18.92
N ALA B 512 24.40 30.98 -18.02
CA ALA B 512 23.94 29.60 -18.19
C ALA B 512 23.24 29.39 -19.52
N GLU B 513 22.34 30.32 -19.87
CA GLU B 513 21.61 30.24 -21.12
C GLU B 513 22.56 30.28 -22.32
N GLU B 514 23.53 31.18 -22.27
CA GLU B 514 24.50 31.29 -23.36
C GLU B 514 25.32 30.00 -23.50
N LEU B 515 25.76 29.45 -22.38
CA LEU B 515 26.52 28.20 -22.41
C LEU B 515 25.66 27.08 -22.99
N PHE B 516 24.38 27.11 -22.64
CA PHE B 516 23.44 26.11 -23.12
C PHE B 516 23.30 26.21 -24.65
N ARG B 517 23.04 27.41 -25.13
CA ARG B 517 22.89 27.64 -26.57
C ARG B 517 24.20 27.34 -27.31
N ASP B 518 25.33 27.58 -26.66
CA ASP B 518 26.61 27.25 -27.27
C ASP B 518 26.71 25.75 -27.48
N GLU B 519 26.38 24.95 -26.47
CA GLU B 519 26.45 23.51 -26.65
C GLU B 519 25.47 23.04 -27.72
N MET B 520 24.26 23.59 -27.71
CA MET B 520 23.25 23.15 -28.66
C MET B 520 23.64 23.58 -30.08
N ASP B 521 24.27 24.73 -30.21
CA ASP B 521 24.81 25.17 -31.50
C ASP B 521 25.86 24.19 -32.03
N ARG B 522 26.66 23.61 -31.13
CA ARG B 522 27.65 22.61 -31.53
C ARG B 522 26.98 21.31 -31.96
N TRP B 523 25.93 20.88 -31.24
CA TRP B 523 25.17 19.70 -31.68
C TRP B 523 24.57 19.96 -33.04
N LYS B 524 24.01 21.16 -33.21
CA LYS B 524 23.33 21.52 -34.44
C LYS B 524 24.27 21.44 -35.64
N ALA B 525 25.48 21.96 -35.45
CA ALA B 525 26.47 22.02 -36.52
C ALA B 525 26.92 20.63 -36.94
N LYS B 526 26.69 19.64 -36.09
CA LYS B 526 27.04 18.26 -36.42
C LYS B 526 26.06 17.65 -37.42
N GLU B 527 24.90 18.27 -37.57
CA GLU B 527 23.87 17.77 -38.48
C GLU B 527 23.68 16.27 -38.41
N LEU B 528 23.47 15.73 -37.21
CA LEU B 528 23.30 14.31 -37.04
C LEU B 528 21.98 13.80 -37.57
N ASN B 529 21.06 14.70 -37.76
CA ASN B 529 19.74 14.33 -38.26
C ASN B 529 19.09 13.24 -37.39
N VAL B 530 19.17 13.40 -36.08
CA VAL B 530 18.41 12.55 -35.16
C VAL B 530 17.63 13.44 -34.19
N PRO B 531 16.55 12.91 -33.60
CA PRO B 531 15.86 13.70 -32.58
C PRO B 531 16.68 13.80 -31.29
N PHE B 532 16.58 14.94 -30.62
CA PHE B 532 17.13 15.12 -29.29
C PHE B 532 15.99 15.23 -28.29
N VAL B 533 16.14 14.57 -27.15
CA VAL B 533 15.13 14.66 -26.12
C VAL B 533 15.84 15.03 -24.84
N PHE B 534 15.36 16.05 -24.13
CA PHE B 534 15.94 16.33 -22.83
C PHE B 534 15.29 15.45 -21.80
N THR B 535 16.07 14.54 -21.23
CA THR B 535 15.54 13.61 -20.25
C THR B 535 15.70 14.09 -18.83
N GLU B 536 16.48 15.15 -18.63
CA GLU B 536 16.58 15.79 -17.31
C GLU B 536 16.90 17.27 -17.44
N PHE B 537 16.23 18.06 -16.60
CA PHE B 537 16.54 19.46 -16.38
C PHE B 537 15.66 19.83 -15.18
N GLY B 538 16.20 20.58 -14.23
CA GLY B 538 15.44 20.90 -13.03
C GLY B 538 16.27 21.60 -12.00
N THR B 539 15.60 22.06 -10.94
CA THR B 539 16.26 22.75 -9.84
C THR B 539 15.74 22.21 -8.53
N ASP B 540 16.59 22.05 -7.52
CA ASP B 540 16.04 21.70 -6.22
C ASP B 540 15.19 22.85 -5.75
N THR B 541 14.02 22.52 -5.24
CA THR B 541 13.00 23.52 -4.94
C THR B 541 12.32 23.12 -3.64
N MET B 542 12.51 23.91 -2.59
CA MET B 542 11.83 23.63 -1.33
C MET B 542 10.42 24.21 -1.37
N ALA B 543 9.42 23.34 -1.26
CA ALA B 543 8.05 23.82 -1.20
C ALA B 543 7.93 24.86 -0.11
N GLY B 544 7.38 26.02 -0.47
CA GLY B 544 7.18 27.10 0.49
C GLY B 544 8.31 28.11 0.60
N LEU B 545 9.46 27.82 -0.03
CA LEU B 545 10.55 28.80 -0.09
C LEU B 545 10.28 29.77 -1.21
N HIS B 546 9.86 30.97 -0.83
CA HIS B 546 9.54 32.01 -1.79
C HIS B 546 10.56 33.13 -1.69
N LYS B 547 10.92 33.70 -2.83
CA LYS B 547 11.83 34.83 -2.80
C LYS B 547 11.64 35.71 -4.02
N LEU B 548 11.73 37.01 -3.79
CA LEU B 548 11.66 38.02 -4.84
C LEU B 548 12.76 39.03 -4.61
N PRO B 549 13.76 39.08 -5.52
CA PRO B 549 13.93 38.22 -6.69
C PRO B 549 14.24 36.78 -6.29
N SER B 550 13.99 35.87 -7.22
CA SER B 550 14.13 34.45 -6.92
C SER B 550 15.58 34.10 -6.53
N ILE B 551 15.71 33.01 -5.78
CA ILE B 551 17.00 32.42 -5.46
C ILE B 551 16.97 30.95 -5.79
N MET B 552 18.12 30.39 -6.09
CA MET B 552 18.23 28.94 -6.16
C MET B 552 17.60 28.33 -4.92
N TRP B 553 16.77 27.31 -5.14
CA TRP B 553 16.01 26.55 -4.13
C TRP B 553 14.59 27.09 -3.90
N SER B 554 14.31 28.30 -4.43
CA SER B 554 12.97 28.85 -4.30
C SER B 554 12.04 28.35 -5.40
N GLU B 555 10.74 28.42 -5.11
CA GLU B 555 9.70 28.04 -6.07
C GLU B 555 9.73 28.92 -7.31
N GLU B 556 10.08 30.19 -7.10
CA GLU B 556 10.12 31.15 -8.19
C GLU B 556 11.27 30.86 -9.13
N TYR B 557 12.41 30.47 -8.56
CA TYR B 557 13.56 30.13 -9.38
C TYR B 557 13.27 28.89 -10.22
N GLN B 558 12.55 27.90 -9.66
CA GLN B 558 12.19 26.74 -10.45
C GLN B 558 11.43 27.18 -11.72
N LYS B 559 10.47 28.10 -11.56
CA LYS B 559 9.71 28.61 -12.71
C LYS B 559 10.63 29.28 -13.74
N GLU B 560 11.48 30.18 -13.26
CA GLU B 560 12.31 30.98 -14.16
C GLU B 560 13.34 30.09 -14.86
N TYR B 561 13.85 29.11 -14.13
CA TYR B 561 14.78 28.16 -14.73
C TYR B 561 14.10 27.41 -15.85
N LEU B 562 12.88 26.94 -15.61
CA LEU B 562 12.14 26.19 -16.62
C LEU B 562 11.89 27.07 -17.85
N GLU B 563 11.49 28.32 -17.63
CA GLU B 563 11.22 29.21 -18.75
C GLU B 563 12.46 29.39 -19.62
N MET B 564 13.62 29.52 -18.99
CA MET B 564 14.88 29.71 -19.74
C MET B 564 15.17 28.47 -20.56
N ASN B 565 15.01 27.32 -19.93
CA ASN B 565 15.25 26.07 -20.63
C ASN B 565 14.30 25.92 -21.83
N PHE B 566 13.02 26.22 -21.64
CA PHE B 566 12.07 26.17 -22.75
C PHE B 566 12.51 27.06 -23.92
N ARG B 567 12.98 28.28 -23.62
CA ARG B 567 13.42 29.20 -24.67
C ARG B 567 14.53 28.55 -25.50
N VAL B 568 15.42 27.85 -24.82
CA VAL B 568 16.51 27.16 -25.49
C VAL B 568 16.00 25.97 -26.29
N PHE B 569 15.17 25.14 -25.67
CA PHE B 569 14.58 23.98 -26.37
C PHE B 569 13.95 24.41 -27.68
N ASP B 570 13.18 25.49 -27.59
CA ASP B 570 12.34 25.92 -28.70
C ASP B 570 13.14 26.58 -29.82
N SER B 571 14.44 26.74 -29.60
CA SER B 571 15.31 27.39 -30.59
C SER B 571 15.94 26.37 -31.55
N TYR B 572 15.67 25.09 -31.34
CA TYR B 572 16.30 24.06 -32.15
C TYR B 572 15.26 23.10 -32.68
N GLU B 573 15.23 22.96 -34.01
CA GLU B 573 14.23 22.13 -34.64
C GLU B 573 14.34 20.67 -34.21
N PHE B 574 15.55 20.18 -33.94
CA PHE B 574 15.73 18.76 -33.73
C PHE B 574 15.33 18.31 -32.32
N VAL B 575 15.07 19.26 -31.43
CA VAL B 575 14.53 18.90 -30.13
C VAL B 575 13.11 18.37 -30.29
N GLN B 576 12.86 17.21 -29.72
CA GLN B 576 11.61 16.51 -29.99
C GLN B 576 10.97 16.00 -28.69
N GLY B 577 11.49 16.42 -27.54
CA GLY B 577 10.91 15.97 -26.29
C GLY B 577 11.55 16.65 -25.11
N GLU B 578 10.79 16.75 -24.03
CA GLU B 578 11.29 17.36 -22.81
C GLU B 578 10.69 16.57 -21.64
N LEU B 579 11.54 15.86 -20.90
CA LEU B 579 11.10 15.13 -19.70
C LEU B 579 11.81 15.78 -18.52
N ALA B 580 11.05 16.48 -17.70
CA ALA B 580 11.62 17.22 -16.59
C ALA B 580 12.12 16.28 -15.51
N TRP B 581 13.16 16.69 -14.80
CA TRP B 581 13.64 16.01 -13.60
C TRP B 581 13.20 16.82 -12.39
N ASN B 582 12.36 16.29 -11.49
CA ASN B 582 11.77 14.95 -11.52
C ASN B 582 10.27 15.17 -11.37
N PHE B 583 9.47 14.15 -11.65
CA PHE B 583 8.05 14.23 -11.35
C PHE B 583 7.82 14.64 -9.90
N ALA B 584 8.55 14.03 -8.97
CA ALA B 584 8.31 14.30 -7.56
C ALA B 584 9.57 14.18 -6.72
N ASP B 585 9.63 14.95 -5.63
CA ASP B 585 10.73 14.85 -4.68
C ASP B 585 10.91 13.41 -4.26
N PHE B 586 12.16 12.97 -4.13
CA PHE B 586 12.41 11.56 -3.83
C PHE B 586 13.63 11.37 -2.94
N GLN B 587 13.73 10.20 -2.30
CA GLN B 587 14.78 9.99 -1.30
C GLN B 587 16.12 9.73 -1.95
N THR B 588 17.16 10.31 -1.36
CA THR B 588 18.54 10.04 -1.75
C THR B 588 19.31 9.68 -0.48
N THR B 589 20.55 9.25 -0.66
CA THR B 589 21.52 9.21 0.42
C THR B 589 21.60 10.60 1.07
N GLU B 590 21.81 10.65 2.36
CA GLU B 590 22.01 11.88 3.10
C GLU B 590 23.27 12.60 2.71
N GLY B 591 23.31 13.92 2.79
CA GLY B 591 24.58 14.57 2.57
C GLY B 591 24.38 16.07 2.56
N ILE B 592 25.45 16.81 2.36
CA ILE B 592 25.36 18.26 2.45
C ILE B 592 24.71 18.87 1.21
N MET B 593 24.43 18.06 0.20
CA MET B 593 23.80 18.58 -1.02
C MET B 593 22.37 18.10 -1.18
N ARG B 594 21.88 17.31 -0.22
CA ARG B 594 20.53 16.77 -0.30
C ARG B 594 19.75 17.03 0.98
N VAL B 595 18.75 17.91 0.87
CA VAL B 595 17.92 18.29 2.02
C VAL B 595 16.71 17.34 2.11
N ASP B 596 16.86 16.25 2.84
CA ASP B 596 15.84 15.20 2.87
C ASP B 596 15.56 14.76 1.45
N GLY B 597 16.59 14.21 0.81
CA GLY B 597 16.47 13.68 -0.54
C GLY B 597 16.63 14.76 -1.60
N ASN B 598 16.09 14.45 -2.77
CA ASN B 598 16.20 15.29 -3.94
C ASN B 598 14.92 16.10 -4.08
N HIS B 599 15.06 17.42 -4.15
CA HIS B 599 13.90 18.29 -4.22
C HIS B 599 13.67 18.91 -5.58
N LYS B 600 14.16 18.25 -6.63
CA LYS B 600 13.86 18.74 -7.98
C LYS B 600 12.46 18.35 -8.47
N GLY B 601 11.66 17.74 -7.60
CA GLY B 601 10.31 17.39 -7.96
C GLY B 601 9.51 18.61 -8.37
N VAL B 602 8.62 18.39 -9.34
CA VAL B 602 7.64 19.40 -9.71
C VAL B 602 6.46 19.23 -8.75
N PHE B 603 6.31 17.99 -8.27
CA PHE B 603 5.41 17.67 -7.18
C PHE B 603 6.19 17.35 -5.92
N THR B 604 5.57 17.56 -4.77
CA THR B 604 6.17 17.15 -3.49
C THR B 604 6.14 15.62 -3.42
N ARG B 605 6.83 15.05 -2.43
CA ARG B 605 6.89 13.60 -2.33
C ARG B 605 5.50 13.02 -2.06
N ASP B 606 4.64 13.80 -1.37
CA ASP B 606 3.28 13.36 -1.16
C ASP B 606 2.35 13.81 -2.30
N ARG B 607 2.95 14.16 -3.45
CA ARG B 607 2.26 14.27 -4.73
C ARG B 607 1.34 15.49 -4.83
N GLN B 608 1.85 16.63 -4.38
CA GLN B 608 1.14 17.90 -4.52
C GLN B 608 2.00 18.87 -5.31
N PRO B 609 1.37 19.73 -6.12
CA PRO B 609 2.14 20.54 -7.08
C PRO B 609 2.82 21.77 -6.48
N LYS B 610 4.10 21.95 -6.78
CA LYS B 610 4.75 23.23 -6.54
C LYS B 610 4.29 24.24 -7.59
N ALA B 611 4.70 25.50 -7.47
CA ALA B 611 4.26 26.53 -8.43
C ALA B 611 4.60 26.17 -9.88
N ALA B 612 5.74 25.52 -10.09
CA ALA B 612 6.22 25.22 -11.44
C ALA B 612 5.35 24.18 -12.15
N ALA B 613 4.58 23.41 -11.39
CA ALA B 613 3.74 22.39 -12.03
C ALA B 613 2.78 23.07 -13.01
N VAL B 614 2.29 24.25 -12.66
CA VAL B 614 1.35 24.97 -13.52
C VAL B 614 2.02 25.42 -14.82
N VAL B 615 3.30 25.75 -14.72
CA VAL B 615 4.08 26.15 -15.90
C VAL B 615 4.08 25.04 -16.95
N PHE B 616 4.35 23.82 -16.52
CA PHE B 616 4.24 22.65 -17.40
C PHE B 616 2.83 22.45 -17.95
N LYS B 617 1.84 22.50 -17.06
CA LYS B 617 0.44 22.31 -17.46
C LYS B 617 0.08 23.29 -18.57
N ASP B 618 0.44 24.54 -18.39
CA ASP B 618 0.12 25.56 -19.39
C ASP B 618 0.86 25.33 -20.71
N ARG B 619 2.14 25.02 -20.61
CA ARG B 619 2.95 24.82 -21.81
C ARG B 619 2.53 23.58 -22.59
N TRP B 620 2.22 22.50 -21.87
CA TRP B 620 1.92 21.23 -22.53
C TRP B 620 0.48 21.14 -23.02
N GLU B 621 -0.34 22.12 -22.66
CA GLU B 621 -1.70 22.09 -23.12
C GLU B 621 -1.74 22.30 -24.64
C EVA C . -9.95 17.74 18.12
N EVA C . -11.32 16.58 19.85
O EVA C . -8.84 17.77 17.56
CA EVA C . -10.51 16.44 18.65
CB EVA C . -11.24 15.72 17.54
CG EVA C . -11.81 14.38 18.14
OG EVA C . -10.39 15.43 16.47
CAE EVA C . -12.38 15.80 20.11
OAJ EVA C . -13.16 13.57 19.97
OAK EVA C . -12.95 16.01 21.15
CD1 EVA C . -12.81 14.68 19.18
OD2 EVA C . -12.36 13.61 17.09
OXT EVA C . -10.65 18.79 18.30
HN EVA C . -11.11 17.23 20.45
HA EVA C . -9.69 15.93 18.83
HB EVA C . -11.99 16.28 17.23
HG EVA C . -11.08 13.88 18.55
HOG EVA C . -10.87 15.18 15.77
HOAJ EVA C . -14.03 13.61 20.16
HD1 EVA C . -13.66 14.88 18.75
HOD2 EVA C . -13.01 13.09 17.41
C1 MRD D . -27.79 -0.53 2.35
C2 MRD D . -28.32 0.29 1.19
O2 MRD D . -28.61 1.56 1.63
CM MRD D . -29.61 -0.36 0.84
C3 MRD D . -27.38 0.28 -0.03
C4 MRD D . -26.65 1.52 -0.37
O4 MRD D . -27.34 2.70 -0.19
C5 MRD D . -26.02 1.56 -1.70
H1C1 MRD D . -27.87 -1.47 2.13
H1C2 MRD D . -28.33 -0.36 3.14
H1C3 MRD D . -26.87 -0.31 2.53
H2 MRD D . -29.11 1.51 2.36
HMC1 MRD D . -30.11 0.23 0.25
HMC2 MRD D . -30.12 -0.55 1.64
HMC3 MRD D . -29.42 -1.20 0.38
H3C1 MRD D . -26.72 -0.41 0.13
H3C2 MRD D . -27.88 0.03 -0.83
H4 MRD D . -25.90 1.54 0.25
HA MRD D . -27.78 2.65 0.56
H5C1 MRD D . -26.05 2.45 -2.07
H5C2 MRD D . -26.48 0.95 -2.30
H5C3 MRD D . -25.09 1.28 -1.63
C EVA E . 20.17 15.45 -10.03
N EVA E . 20.95 14.59 -12.22
O EVA E . 21.30 15.95 -9.86
CA EVA E . 20.01 14.41 -11.11
CB EVA E . 20.06 13.04 -10.51
CG EVA E . 19.87 12.02 -11.71
OG EVA E . 19.06 12.84 -9.55
CAE EVA E . 21.40 13.55 -12.94
OAJ EVA E . 20.80 11.41 -13.85
OAK EVA E . 22.14 13.82 -13.85
CD1 EVA E . 21.01 12.12 -12.64
OD2 EVA E . 19.78 10.71 -11.18
OXT EVA E . 19.18 15.82 -9.37
HN EVA E . 21.20 15.43 -12.46
HA EVA E . 19.09 14.57 -11.41
HB EVA E . 20.94 12.89 -10.10
HG EVA E . 19.05 12.22 -12.18
HOG EVA E . 18.75 12.02 -9.61
HOAJ EVA E . 20.52 11.97 -14.47
HD1 EVA E . 21.76 11.62 -12.27
HOD2 EVA E . 18.94 10.51 -11.04
#